data_3B9N
#
_entry.id   3B9N
#
_cell.length_a   77.502
_cell.length_b   77.502
_cell.length_c   323.740
_cell.angle_alpha   90.00
_cell.angle_beta   90.00
_cell.angle_gamma   90.00
#
_symmetry.space_group_name_H-M   'P 43 21 2'
#
loop_
_entity.id
_entity.type
_entity.pdbx_description
1 polymer 'Alkane monooxygenase'
2 water water
#
_entity_poly.entity_id   1
_entity_poly.type   'polypeptide(L)'
_entity_poly.pdbx_seq_one_letter_code
;MTKKIHINAFEMNCVGHIAHGLWRHPENQRHRYTDLNYWTELAQLLEKGKFDALFLADVVGIYDVYRQSRDTAVREAVQI
PVNDPLMLISAMAYVTKHLAFAVTFSTTYEHPYGHARRMSTLDHLTKGRIAWNVVTSHLPSADKNFGIKKILEHDERYDL
ADEYLEVCYKLWEGSWEDNAVIRDIENNIYTDPSKVHEINHSGKYFEVPGPHLCEPSPQRTPVIYQAGMSERGREFAAKH
AECVFLGGKDVETLKFFVDDIRKRAKKYGRNPDHIKMFAGICVIVGKTHDEAMEKLNSFQKYWSLEGHLAHYGGGTGYDL
SKYSSNDYIGSISVGEIINNMSKLDGKWFKLSVGTPKKVADEMQYLVEEAGIDGFNLVQYVSPGTFVDFIELVVPELQKR
GLYRVDYEEGTYREKLFGKGNYRLPDDHIAARYRNISSNV
;
_entity_poly.pdbx_strand_id   A,B
#
# COMPACT_ATOMS: atom_id res chain seq x y z
N LYS A 3 -5.54 -31.71 13.58
CA LYS A 3 -5.06 -31.97 14.96
C LYS A 3 -3.96 -30.99 15.32
N LYS A 4 -3.47 -30.27 14.33
CA LYS A 4 -2.41 -29.28 14.55
C LYS A 4 -3.04 -27.95 14.90
N ILE A 5 -2.35 -27.17 15.71
CA ILE A 5 -2.84 -25.87 16.13
C ILE A 5 -2.31 -24.75 15.27
N HIS A 6 -3.20 -23.85 14.87
CA HIS A 6 -2.83 -22.70 14.06
C HIS A 6 -2.40 -21.58 15.00
N ILE A 7 -1.36 -20.85 14.63
CA ILE A 7 -0.89 -19.75 15.47
C ILE A 7 -0.56 -18.50 14.66
N ASN A 8 -1.21 -17.40 15.02
CA ASN A 8 -0.98 -16.12 14.36
C ASN A 8 -0.25 -15.25 15.35
N ALA A 9 0.67 -14.43 14.84
CA ALA A 9 1.41 -13.52 15.69
C ALA A 9 0.71 -12.14 15.60
N PHE A 10 0.22 -11.64 16.73
CA PHE A 10 -0.48 -10.36 16.71
C PHE A 10 0.50 -9.19 16.73
N GLU A 11 0.25 -8.22 15.86
CA GLU A 11 1.13 -7.06 15.72
C GLU A 11 0.40 -5.81 15.16
N MET A 12 1.06 -4.66 15.27
CA MET A 12 0.49 -3.43 14.74
C MET A 12 1.60 -2.47 14.36
N ASN A 13 1.40 -1.72 13.28
CA ASN A 13 2.41 -0.79 12.80
C ASN A 13 2.37 0.49 13.61
N CYS A 14 2.65 0.37 14.90
CA CYS A 14 2.68 1.51 15.80
C CYS A 14 3.65 1.17 16.92
N VAL A 15 3.64 1.95 17.99
CA VAL A 15 4.53 1.68 19.11
C VAL A 15 3.76 0.92 20.18
N GLY A 16 2.75 1.57 20.75
CA GLY A 16 1.95 0.94 21.79
C GLY A 16 0.70 0.25 21.25
N HIS A 17 0.73 -1.08 21.23
CA HIS A 17 -0.40 -1.87 20.73
C HIS A 17 -1.37 -2.28 21.84
N ILE A 18 -0.98 -3.28 22.63
CA ILE A 18 -1.81 -3.77 23.74
C ILE A 18 -1.09 -3.52 25.08
N ALA A 19 0.06 -4.14 25.28
CA ALA A 19 0.84 -3.99 26.52
C ALA A 19 1.38 -2.56 26.64
N HIS A 20 0.50 -1.64 27.06
CA HIS A 20 0.87 -0.24 27.16
C HIS A 20 1.83 0.13 28.27
N GLY A 21 2.80 0.94 27.90
CA GLY A 21 3.82 1.39 28.84
C GLY A 21 5.09 0.57 28.66
N LEU A 22 4.96 -0.61 28.09
CA LEU A 22 6.14 -1.45 27.92
C LEU A 22 7.19 -0.95 26.96
N TRP A 23 6.87 0.06 26.14
CA TRP A 23 7.87 0.53 25.21
C TRP A 23 9.09 0.99 26.02
N ARG A 24 8.90 1.19 27.31
CA ARG A 24 9.99 1.63 28.16
C ARG A 24 10.90 0.49 28.59
N HIS A 25 10.38 -0.74 28.53
CA HIS A 25 11.15 -1.92 28.90
C HIS A 25 12.47 -1.88 28.14
N PRO A 26 13.60 -1.91 28.86
CA PRO A 26 14.94 -1.87 28.25
C PRO A 26 15.16 -2.78 27.04
N GLU A 27 14.57 -3.98 27.05
CA GLU A 27 14.74 -4.92 25.94
C GLU A 27 13.65 -4.87 24.88
N ASN A 28 12.87 -3.80 24.86
CA ASN A 28 11.80 -3.68 23.88
C ASN A 28 12.27 -2.96 22.62
N GLN A 29 11.44 -2.98 21.58
CA GLN A 29 11.81 -2.35 20.32
C GLN A 29 10.66 -1.72 19.56
N ARG A 30 9.58 -1.38 20.27
CA ARG A 30 8.43 -0.75 19.62
C ARG A 30 8.85 0.47 18.81
N HIS A 31 9.90 1.15 19.28
CA HIS A 31 10.40 2.35 18.61
C HIS A 31 11.00 2.09 17.24
N ARG A 32 11.04 0.82 16.83
CA ARG A 32 11.61 0.45 15.54
C ARG A 32 10.53 0.20 14.49
N TYR A 33 9.28 0.47 14.83
CA TYR A 33 8.20 0.23 13.90
C TYR A 33 8.39 1.04 12.60
N THR A 34 9.21 2.08 12.65
CA THR A 34 9.46 2.89 11.46
C THR A 34 10.56 2.28 10.61
N ASP A 35 11.38 1.42 11.23
CA ASP A 35 12.47 0.78 10.51
C ASP A 35 11.97 -0.43 9.78
N LEU A 36 12.25 -0.52 8.49
CA LEU A 36 11.81 -1.64 7.66
C LEU A 36 12.41 -2.98 8.08
N ASN A 37 13.70 -2.96 8.43
CA ASN A 37 14.40 -4.17 8.84
C ASN A 37 13.72 -4.82 10.02
N TYR A 38 13.14 -4.01 10.89
CA TYR A 38 12.45 -4.56 12.03
C TYR A 38 11.43 -5.58 11.56
N TRP A 39 10.58 -5.16 10.64
CA TRP A 39 9.53 -6.02 10.11
C TRP A 39 9.95 -7.28 9.39
N THR A 40 10.95 -7.16 8.53
CA THR A 40 11.43 -8.31 7.78
C THR A 40 12.03 -9.35 8.72
N GLU A 41 12.70 -8.87 9.77
CA GLU A 41 13.30 -9.76 10.76
C GLU A 41 12.18 -10.52 11.44
N LEU A 42 11.11 -9.79 11.77
CA LEU A 42 9.94 -10.39 12.42
C LEU A 42 9.33 -11.47 11.52
N ALA A 43 9.15 -11.14 10.25
CA ALA A 43 8.59 -12.08 9.29
C ALA A 43 9.51 -13.30 9.23
N GLN A 44 10.82 -13.04 9.17
CA GLN A 44 11.80 -14.11 9.11
C GLN A 44 11.73 -14.98 10.35
N LEU A 45 11.72 -14.33 11.52
CA LEU A 45 11.64 -15.07 12.78
C LEU A 45 10.36 -15.90 12.85
N LEU A 46 9.24 -15.28 12.51
CA LEU A 46 7.96 -15.99 12.53
C LEU A 46 7.94 -17.21 11.63
N GLU A 47 8.53 -17.11 10.44
CA GLU A 47 8.56 -18.25 9.52
C GLU A 47 9.43 -19.36 10.11
N LYS A 48 10.55 -18.98 10.69
CA LYS A 48 11.45 -19.94 11.31
C LYS A 48 10.65 -20.68 12.37
N GLY A 49 9.72 -19.96 13.01
CA GLY A 49 8.88 -20.56 14.03
C GLY A 49 7.63 -21.26 13.49
N LYS A 50 7.52 -21.32 12.16
CA LYS A 50 6.38 -21.98 11.49
C LYS A 50 5.01 -21.34 11.74
N PHE A 51 4.98 -20.08 12.14
CA PHE A 51 3.72 -19.39 12.37
C PHE A 51 2.88 -19.35 11.11
N ASP A 52 1.58 -19.60 11.24
CA ASP A 52 0.67 -19.57 10.11
C ASP A 52 0.75 -18.21 9.40
N ALA A 53 0.68 -17.14 10.19
CA ALA A 53 0.70 -15.80 9.62
C ALA A 53 0.87 -14.65 10.62
N LEU A 54 1.26 -13.48 10.10
CA LEU A 54 1.43 -12.28 10.91
C LEU A 54 0.13 -11.50 10.83
N PHE A 55 -0.57 -11.40 11.96
CA PHE A 55 -1.85 -10.70 12.01
C PHE A 55 -1.64 -9.25 12.36
N LEU A 56 -1.86 -8.37 11.39
CA LEU A 56 -1.69 -6.95 11.60
C LEU A 56 -2.99 -6.24 11.88
N ALA A 57 -3.08 -5.65 13.06
CA ALA A 57 -4.26 -4.90 13.46
C ALA A 57 -4.00 -3.47 13.02
N ASP A 58 -4.99 -2.60 13.15
CA ASP A 58 -4.79 -1.20 12.78
C ASP A 58 -5.93 -0.33 13.26
N VAL A 59 -5.73 0.98 13.14
CA VAL A 59 -6.71 2.00 13.51
C VAL A 59 -6.46 3.24 12.65
N VAL A 60 -7.53 3.93 12.29
CA VAL A 60 -7.38 5.14 11.50
C VAL A 60 -7.92 6.29 12.34
N GLY A 61 -8.29 5.95 13.58
CA GLY A 61 -8.80 6.93 14.51
C GLY A 61 -7.80 7.13 15.63
N ILE A 62 -8.09 8.07 16.53
CA ILE A 62 -7.22 8.35 17.65
C ILE A 62 -7.99 8.12 18.94
N TYR A 63 -7.30 7.62 19.97
CA TYR A 63 -7.93 7.36 21.26
C TYR A 63 -8.01 8.67 22.06
N ASP A 64 -9.09 9.40 21.87
CA ASP A 64 -9.27 10.68 22.54
C ASP A 64 -10.42 10.71 23.53
N VAL A 65 -10.78 9.57 24.07
CA VAL A 65 -11.87 9.49 25.03
C VAL A 65 -11.45 9.83 26.46
N TYR A 66 -10.49 9.06 26.98
CA TYR A 66 -9.97 9.26 28.33
C TYR A 66 -9.48 10.68 28.59
N ARG A 67 -10.03 11.33 29.60
CA ARG A 67 -9.65 12.70 29.96
C ARG A 67 -10.14 13.71 28.91
N GLN A 68 -11.00 13.25 28.01
CA GLN A 68 -11.56 14.10 26.96
C GLN A 68 -10.52 14.62 25.97
N SER A 69 -9.37 13.97 25.89
CA SER A 69 -8.33 14.40 24.99
C SER A 69 -7.47 13.23 24.51
N ARG A 70 -6.77 13.45 23.41
CA ARG A 70 -5.90 12.45 22.82
C ARG A 70 -4.56 12.46 23.55
N ASP A 71 -4.31 13.55 24.28
CA ASP A 71 -3.05 13.72 24.99
C ASP A 71 -2.48 12.47 25.64
N THR A 72 -3.27 11.78 26.44
CA THR A 72 -2.79 10.57 27.09
C THR A 72 -2.27 9.58 26.06
N ALA A 73 -3.05 9.36 25.00
CA ALA A 73 -2.65 8.43 23.95
C ALA A 73 -1.30 8.83 23.37
N VAL A 74 -1.18 10.09 22.94
CA VAL A 74 0.07 10.58 22.38
C VAL A 74 1.23 10.39 23.36
N ARG A 75 1.07 10.93 24.57
CA ARG A 75 2.11 10.85 25.59
C ARG A 75 2.56 9.40 25.81
N GLU A 76 1.58 8.52 26.02
CA GLU A 76 1.82 7.10 26.26
C GLU A 76 2.04 6.29 24.98
N ALA A 77 1.80 6.91 23.82
CA ALA A 77 1.97 6.26 22.52
C ALA A 77 0.98 5.12 22.34
N VAL A 78 -0.25 5.34 22.78
CA VAL A 78 -1.31 4.36 22.68
C VAL A 78 -1.91 4.35 21.28
N GLN A 79 -1.34 3.48 20.45
CA GLN A 79 -1.74 3.31 19.05
C GLN A 79 -1.64 4.56 18.20
N ILE A 80 -0.71 5.43 18.59
CA ILE A 80 -0.42 6.65 17.86
C ILE A 80 0.99 7.06 18.27
N PRO A 81 1.84 7.35 17.28
CA PRO A 81 1.55 7.28 15.84
C PRO A 81 1.19 5.89 15.32
N VAL A 82 0.68 5.84 14.09
CA VAL A 82 0.30 4.58 13.46
C VAL A 82 0.60 4.65 11.98
N ASN A 83 1.27 3.64 11.46
CA ASN A 83 1.59 3.63 10.06
C ASN A 83 0.69 2.64 9.34
N ASP A 84 0.62 2.76 8.02
CA ASP A 84 -0.22 1.86 7.22
C ASP A 84 0.37 0.46 7.25
N PRO A 85 -0.46 -0.54 7.57
CA PRO A 85 0.02 -1.92 7.62
C PRO A 85 0.28 -2.58 6.25
N LEU A 86 -0.51 -2.25 5.24
CA LEU A 86 -0.31 -2.86 3.93
C LEU A 86 1.04 -2.53 3.29
N MET A 87 1.56 -1.34 3.59
CA MET A 87 2.85 -0.93 3.04
C MET A 87 3.98 -1.82 3.54
N LEU A 88 3.68 -2.74 4.47
CA LEU A 88 4.69 -3.63 5.04
C LEU A 88 4.72 -4.99 4.35
N ILE A 89 3.56 -5.43 3.87
CA ILE A 89 3.41 -6.74 3.24
C ILE A 89 4.47 -7.17 2.20
N SER A 90 4.63 -6.42 1.12
CA SER A 90 5.59 -6.85 0.10
C SER A 90 6.99 -7.16 0.64
N ALA A 91 7.59 -6.23 1.39
CA ALA A 91 8.93 -6.44 1.97
C ALA A 91 8.95 -7.76 2.75
N MET A 92 7.99 -7.93 3.66
CA MET A 92 7.93 -9.15 4.44
C MET A 92 7.71 -10.36 3.55
N ALA A 93 6.81 -10.25 2.60
CA ALA A 93 6.54 -11.36 1.69
C ALA A 93 7.80 -11.77 0.92
N TYR A 94 8.58 -10.79 0.46
CA TYR A 94 9.81 -11.05 -0.29
C TYR A 94 10.77 -11.95 0.48
N VAL A 95 10.88 -11.67 1.77
CA VAL A 95 11.77 -12.40 2.65
C VAL A 95 11.25 -13.76 3.16
N THR A 96 9.99 -14.07 2.89
CA THR A 96 9.42 -15.34 3.34
C THR A 96 8.77 -16.15 2.22
N LYS A 97 8.48 -17.41 2.51
CA LYS A 97 7.88 -18.30 1.53
C LYS A 97 6.50 -18.83 1.95
N HIS A 98 6.30 -19.00 3.25
CA HIS A 98 5.05 -19.54 3.77
C HIS A 98 4.27 -18.62 4.71
N LEU A 99 4.98 -17.93 5.59
CA LEU A 99 4.36 -17.01 6.54
C LEU A 99 3.33 -16.17 5.78
N ALA A 100 2.08 -16.21 6.24
CA ALA A 100 1.00 -15.44 5.59
C ALA A 100 0.82 -14.08 6.27
N PHE A 101 0.06 -13.20 5.63
CA PHE A 101 -0.14 -11.86 6.19
C PHE A 101 -1.59 -11.41 6.16
N ALA A 102 -2.11 -11.15 7.36
CA ALA A 102 -3.47 -10.70 7.51
C ALA A 102 -3.41 -9.25 7.92
N VAL A 103 -4.02 -8.39 7.11
CA VAL A 103 -4.04 -6.96 7.36
C VAL A 103 -5.44 -6.48 7.69
N THR A 104 -5.52 -5.66 8.73
CA THR A 104 -6.78 -5.07 9.15
C THR A 104 -7.10 -3.89 8.26
N PHE A 105 -8.33 -3.84 7.75
CA PHE A 105 -8.75 -2.73 6.91
C PHE A 105 -10.23 -2.45 7.12
N SER A 106 -10.54 -1.20 7.46
CA SER A 106 -11.91 -0.82 7.71
C SER A 106 -12.69 -0.65 6.41
N THR A 107 -13.97 -1.00 6.44
CA THR A 107 -14.83 -0.89 5.26
C THR A 107 -15.64 0.41 5.31
N THR A 108 -15.51 1.12 6.42
CA THR A 108 -16.25 2.35 6.66
C THR A 108 -15.80 3.64 5.98
N TYR A 109 -14.53 3.75 5.60
CA TYR A 109 -14.02 4.99 5.02
C TYR A 109 -13.64 5.05 3.54
N GLU A 110 -12.77 4.14 3.11
CA GLU A 110 -12.28 4.14 1.74
C GLU A 110 -12.98 3.18 0.77
N HIS A 111 -13.36 3.72 -0.39
CA HIS A 111 -14.05 2.95 -1.42
C HIS A 111 -13.45 1.58 -1.69
N PRO A 112 -14.31 0.56 -1.90
CA PRO A 112 -13.91 -0.81 -2.18
C PRO A 112 -13.11 -1.04 -3.45
N TYR A 113 -13.50 -0.40 -4.54
CA TYR A 113 -12.81 -0.56 -5.82
C TYR A 113 -11.32 -0.37 -5.62
N GLY A 114 -10.96 0.63 -4.82
CA GLY A 114 -9.55 0.91 -4.55
C GLY A 114 -8.90 -0.19 -3.74
N HIS A 115 -9.57 -0.63 -2.68
CA HIS A 115 -9.02 -1.67 -1.83
C HIS A 115 -9.02 -3.03 -2.56
N ALA A 116 -10.00 -3.20 -3.45
CA ALA A 116 -10.14 -4.43 -4.21
C ALA A 116 -8.85 -4.72 -4.98
N ARG A 117 -8.25 -3.66 -5.53
CA ARG A 117 -7.02 -3.79 -6.29
C ARG A 117 -5.82 -4.06 -5.37
N ARG A 118 -5.80 -3.40 -4.21
CA ARG A 118 -4.69 -3.61 -3.30
C ARG A 118 -4.60 -5.05 -2.90
N MET A 119 -5.72 -5.63 -2.48
CA MET A 119 -5.72 -7.02 -2.07
C MET A 119 -5.26 -7.90 -3.21
N SER A 120 -5.82 -7.70 -4.40
CA SER A 120 -5.44 -8.51 -5.54
C SER A 120 -3.93 -8.44 -5.76
N THR A 121 -3.37 -7.23 -5.71
CA THR A 121 -1.94 -7.05 -5.92
C THR A 121 -1.13 -7.83 -4.89
N LEU A 122 -1.52 -7.69 -3.62
CA LEU A 122 -0.83 -8.40 -2.55
C LEU A 122 -1.00 -9.91 -2.74
N ASP A 123 -2.19 -10.34 -3.12
CA ASP A 123 -2.43 -11.76 -3.33
C ASP A 123 -1.47 -12.24 -4.41
N HIS A 124 -1.28 -11.41 -5.43
CA HIS A 124 -0.38 -11.73 -6.53
C HIS A 124 1.06 -11.75 -6.07
N LEU A 125 1.50 -10.64 -5.49
CA LEU A 125 2.87 -10.50 -5.01
C LEU A 125 3.26 -11.49 -3.91
N THR A 126 2.33 -11.87 -3.05
CA THR A 126 2.64 -12.79 -1.96
C THR A 126 2.39 -14.24 -2.35
N LYS A 127 1.93 -14.44 -3.58
CA LYS A 127 1.62 -15.76 -4.09
C LYS A 127 0.56 -16.47 -3.26
N GLY A 128 -0.49 -15.74 -2.93
CA GLY A 128 -1.60 -16.29 -2.18
C GLY A 128 -1.48 -16.34 -0.68
N ARG A 129 -0.66 -15.46 -0.11
CA ARG A 129 -0.50 -15.47 1.35
C ARG A 129 -1.12 -14.25 2.00
N ILE A 130 -2.16 -13.69 1.38
CA ILE A 130 -2.77 -12.51 1.96
C ILE A 130 -4.12 -12.79 2.65
N ALA A 131 -4.37 -12.06 3.72
CA ALA A 131 -5.59 -12.20 4.49
C ALA A 131 -6.06 -10.82 4.91
N TRP A 132 -7.37 -10.67 5.01
CA TRP A 132 -7.93 -9.38 5.38
C TRP A 132 -8.85 -9.48 6.59
N ASN A 133 -8.53 -8.74 7.63
CA ASN A 133 -9.35 -8.72 8.82
C ASN A 133 -10.35 -7.58 8.55
N VAL A 134 -11.53 -7.94 8.06
CA VAL A 134 -12.56 -6.94 7.76
C VAL A 134 -12.94 -6.26 9.06
N VAL A 135 -13.08 -4.94 9.02
CA VAL A 135 -13.43 -4.22 10.23
C VAL A 135 -14.21 -2.93 9.99
N THR A 136 -15.16 -2.67 10.87
CA THR A 136 -15.94 -1.42 10.78
C THR A 136 -15.28 -0.72 11.94
N SER A 137 -15.03 0.56 11.82
CA SER A 137 -14.36 1.25 12.91
C SER A 137 -15.30 1.96 13.85
N HIS A 138 -14.76 2.45 14.95
CA HIS A 138 -15.53 3.20 15.93
C HIS A 138 -14.90 4.56 16.13
N LEU A 139 -13.78 4.59 16.85
CA LEU A 139 -12.98 5.83 17.05
C LEU A 139 -13.39 6.96 16.12
N PRO A 140 -14.08 7.96 16.68
CA PRO A 140 -14.63 9.18 16.07
C PRO A 140 -13.75 10.03 15.15
N SER A 141 -12.48 10.24 15.55
CA SER A 141 -11.55 11.03 14.75
C SER A 141 -11.57 10.58 13.26
N ALA A 142 -11.50 9.26 13.07
CA ALA A 142 -11.49 8.67 11.74
C ALA A 142 -12.62 9.18 10.86
N ASP A 143 -13.83 9.11 11.39
CA ASP A 143 -15.01 9.54 10.68
C ASP A 143 -14.90 10.99 10.20
N LYS A 144 -14.45 11.85 11.12
CA LYS A 144 -14.31 13.27 10.84
C LYS A 144 -13.12 13.58 9.91
N ASN A 145 -12.06 12.77 9.99
CA ASN A 145 -10.89 12.98 9.14
C ASN A 145 -11.06 12.52 7.70
N PHE A 146 -11.95 11.57 7.46
CA PHE A 146 -12.18 11.09 6.10
C PHE A 146 -13.37 11.80 5.49
N GLY A 147 -13.80 12.88 6.13
CA GLY A 147 -14.92 13.65 5.62
C GLY A 147 -16.24 12.90 5.51
N ILE A 148 -16.55 12.04 6.48
CA ILE A 148 -17.82 11.31 6.44
C ILE A 148 -18.93 12.24 6.87
N LYS A 149 -19.88 12.46 5.98
CA LYS A 149 -21.01 13.33 6.21
C LYS A 149 -21.94 12.74 7.28
N LYS A 150 -22.55 11.62 6.93
CA LYS A 150 -23.47 10.93 7.83
C LYS A 150 -22.77 9.87 8.66
N ILE A 151 -22.63 10.11 9.95
CA ILE A 151 -21.97 9.12 10.80
C ILE A 151 -22.94 7.98 11.06
N LEU A 152 -22.58 6.80 10.57
CA LEU A 152 -23.40 5.61 10.72
C LEU A 152 -23.32 5.01 12.10
N GLU A 153 -24.39 4.30 12.47
CA GLU A 153 -24.51 3.62 13.75
C GLU A 153 -23.78 2.28 13.74
N HIS A 154 -23.44 1.78 14.93
CA HIS A 154 -22.74 0.52 15.07
C HIS A 154 -23.22 -0.58 14.12
N ASP A 155 -24.51 -0.87 14.17
CA ASP A 155 -25.08 -1.90 13.32
C ASP A 155 -25.07 -1.50 11.86
N GLU A 156 -25.59 -0.32 11.55
CA GLU A 156 -25.61 0.15 10.17
C GLU A 156 -24.22 0.07 9.52
N ARG A 157 -23.18 0.09 10.35
CA ARG A 157 -21.83 0.00 9.84
C ARG A 157 -21.56 -1.40 9.30
N TYR A 158 -22.11 -2.41 9.96
CA TYR A 158 -21.92 -3.78 9.51
C TYR A 158 -22.76 -4.02 8.27
N ASP A 159 -23.79 -3.22 8.07
CA ASP A 159 -24.63 -3.38 6.89
C ASP A 159 -23.90 -2.78 5.70
N LEU A 160 -23.11 -1.76 5.97
CA LEU A 160 -22.32 -1.10 4.93
C LEU A 160 -21.24 -2.11 4.57
N ALA A 161 -20.68 -2.72 5.60
CA ALA A 161 -19.64 -3.73 5.44
C ALA A 161 -20.10 -4.85 4.50
N ASP A 162 -21.34 -5.33 4.70
CA ASP A 162 -21.90 -6.40 3.87
C ASP A 162 -21.80 -6.03 2.40
N GLU A 163 -22.33 -4.87 2.05
CA GLU A 163 -22.32 -4.42 0.66
C GLU A 163 -20.87 -4.18 0.23
N TYR A 164 -20.02 -3.85 1.18
CA TYR A 164 -18.63 -3.61 0.85
C TYR A 164 -18.03 -4.95 0.40
N LEU A 165 -18.09 -5.97 1.26
CA LEU A 165 -17.54 -7.28 0.89
C LEU A 165 -18.20 -7.78 -0.39
N GLU A 166 -19.49 -7.47 -0.55
CA GLU A 166 -20.22 -7.89 -1.75
C GLU A 166 -19.52 -7.37 -3.01
N VAL A 167 -19.33 -6.06 -3.07
CA VAL A 167 -18.67 -5.46 -4.24
C VAL A 167 -17.33 -6.15 -4.47
N CYS A 168 -16.56 -6.29 -3.39
CA CYS A 168 -15.25 -6.93 -3.50
C CYS A 168 -15.38 -8.34 -4.05
N TYR A 169 -16.28 -9.13 -3.46
CA TYR A 169 -16.50 -10.50 -3.91
C TYR A 169 -16.71 -10.50 -5.42
N LYS A 170 -17.67 -9.70 -5.87
CA LYS A 170 -17.98 -9.58 -7.27
C LYS A 170 -16.75 -9.28 -8.11
N LEU A 171 -15.92 -8.35 -7.66
CA LEU A 171 -14.70 -8.02 -8.40
C LEU A 171 -13.68 -9.18 -8.38
N TRP A 172 -13.41 -9.71 -7.17
CA TRP A 172 -12.46 -10.80 -7.00
C TRP A 172 -12.88 -12.15 -7.56
N GLU A 173 -14.15 -12.47 -7.43
CA GLU A 173 -14.65 -13.77 -7.87
C GLU A 173 -15.32 -13.81 -9.22
N GLY A 174 -15.94 -12.71 -9.64
CA GLY A 174 -16.65 -12.72 -10.90
C GLY A 174 -16.20 -11.90 -12.09
N SER A 175 -15.59 -10.75 -11.85
CA SER A 175 -15.14 -9.89 -12.95
C SER A 175 -14.33 -10.63 -14.02
N TRP A 176 -13.27 -11.29 -13.61
CA TRP A 176 -12.43 -12.04 -14.55
C TRP A 176 -12.60 -13.55 -14.42
N GLU A 177 -12.92 -14.23 -15.52
CA GLU A 177 -13.08 -15.68 -15.50
C GLU A 177 -11.76 -16.35 -15.19
N ASP A 178 -11.81 -17.59 -14.71
CA ASP A 178 -10.59 -18.31 -14.33
C ASP A 178 -9.43 -18.23 -15.33
N ASN A 179 -9.69 -18.39 -16.62
CA ASN A 179 -8.58 -18.33 -17.56
C ASN A 179 -8.68 -17.21 -18.60
N ALA A 180 -9.02 -16.02 -18.11
CA ALA A 180 -9.13 -14.85 -18.94
C ALA A 180 -7.78 -14.55 -19.58
N VAL A 181 -6.75 -14.48 -18.76
CA VAL A 181 -5.40 -14.21 -19.27
C VAL A 181 -4.88 -15.48 -19.94
N ILE A 182 -4.61 -15.38 -21.24
CA ILE A 182 -4.12 -16.54 -21.98
C ILE A 182 -2.74 -16.37 -22.61
N ARG A 183 -2.25 -15.14 -22.72
CA ARG A 183 -0.94 -14.86 -23.31
C ARG A 183 -0.70 -15.63 -24.61
N ASP A 184 -1.66 -15.55 -25.52
CA ASP A 184 -1.62 -16.21 -26.82
C ASP A 184 -0.81 -15.33 -27.80
N ILE A 185 0.49 -15.58 -27.89
CA ILE A 185 1.33 -14.79 -28.77
C ILE A 185 0.92 -15.00 -30.21
N GLU A 186 0.55 -16.23 -30.53
CA GLU A 186 0.15 -16.56 -31.90
C GLU A 186 -0.97 -15.66 -32.41
N ASN A 187 -1.99 -15.44 -31.60
CA ASN A 187 -3.12 -14.61 -32.03
C ASN A 187 -3.15 -13.21 -31.44
N ASN A 188 -2.04 -12.79 -30.84
CA ASN A 188 -1.92 -11.48 -30.23
C ASN A 188 -3.09 -11.20 -29.28
N ILE A 189 -3.30 -12.13 -28.36
CA ILE A 189 -4.36 -12.02 -27.37
C ILE A 189 -3.74 -12.26 -26.01
N TYR A 190 -3.58 -11.20 -25.22
CA TYR A 190 -3.01 -11.35 -23.89
C TYR A 190 -4.11 -11.89 -23.00
N THR A 191 -5.24 -11.19 -23.00
CA THR A 191 -6.40 -11.55 -22.20
C THR A 191 -7.65 -11.64 -23.05
N ASP A 192 -8.31 -12.80 -23.02
CA ASP A 192 -9.54 -12.98 -23.78
C ASP A 192 -10.50 -11.89 -23.31
N PRO A 193 -10.76 -10.88 -24.15
CA PRO A 193 -11.67 -9.84 -23.70
C PRO A 193 -13.10 -10.32 -23.43
N SER A 194 -13.44 -11.50 -23.94
CA SER A 194 -14.79 -12.02 -23.76
C SER A 194 -14.99 -12.62 -22.38
N LYS A 195 -13.91 -12.71 -21.61
CA LYS A 195 -13.95 -13.28 -20.27
C LYS A 195 -13.65 -12.28 -19.16
N VAL A 196 -13.81 -11.00 -19.47
CA VAL A 196 -13.61 -9.95 -18.47
C VAL A 196 -14.95 -9.26 -18.52
N HIS A 197 -15.62 -9.14 -17.38
CA HIS A 197 -16.95 -8.55 -17.36
C HIS A 197 -17.14 -7.49 -16.29
N GLU A 198 -18.13 -6.64 -16.50
CA GLU A 198 -18.46 -5.60 -15.54
C GLU A 198 -19.25 -6.29 -14.44
N ILE A 199 -19.16 -5.81 -13.21
CA ILE A 199 -19.87 -6.44 -12.11
C ILE A 199 -21.25 -5.82 -11.91
N ASN A 200 -21.43 -4.66 -12.51
CA ASN A 200 -22.69 -3.93 -12.44
C ASN A 200 -23.34 -3.96 -11.05
N HIS A 201 -22.53 -3.76 -10.02
CA HIS A 201 -23.08 -3.72 -8.67
C HIS A 201 -23.79 -2.39 -8.45
N SER A 202 -24.94 -2.46 -7.77
CA SER A 202 -25.76 -1.29 -7.50
C SER A 202 -26.61 -1.54 -6.26
N GLY A 203 -26.15 -1.03 -5.12
CA GLY A 203 -26.87 -1.22 -3.88
C GLY A 203 -27.17 0.09 -3.16
N LYS A 204 -27.40 -0.03 -1.86
CA LYS A 204 -27.71 1.12 -1.03
C LYS A 204 -26.53 2.06 -0.86
N TYR A 205 -25.36 1.49 -0.67
CA TYR A 205 -24.15 2.27 -0.45
C TYR A 205 -23.23 2.42 -1.66
N PHE A 206 -23.16 1.40 -2.51
CA PHE A 206 -22.27 1.47 -3.66
C PHE A 206 -22.91 1.25 -5.01
N GLU A 207 -22.27 1.88 -6.00
CA GLU A 207 -22.68 1.85 -7.40
C GLU A 207 -21.38 1.57 -8.14
N VAL A 208 -21.10 0.30 -8.42
CA VAL A 208 -19.85 -0.04 -9.09
C VAL A 208 -19.99 -0.89 -10.35
N PRO A 209 -19.69 -0.29 -11.50
CA PRO A 209 -19.76 -0.90 -12.84
C PRO A 209 -18.72 -2.00 -13.06
N GLY A 210 -17.49 -1.75 -12.62
CA GLY A 210 -16.44 -2.72 -12.82
C GLY A 210 -15.95 -2.45 -14.23
N PRO A 211 -15.14 -3.34 -14.81
CA PRO A 211 -14.67 -4.58 -14.21
C PRO A 211 -13.48 -4.32 -13.28
N HIS A 212 -12.97 -5.38 -12.67
CA HIS A 212 -11.82 -5.31 -11.79
C HIS A 212 -10.59 -4.96 -12.65
N LEU A 213 -9.64 -4.26 -12.06
CA LEU A 213 -8.43 -3.87 -12.78
C LEU A 213 -7.36 -4.95 -12.73
N CYS A 214 -7.59 -6.00 -11.95
CA CYS A 214 -6.61 -7.07 -11.81
C CYS A 214 -7.08 -8.41 -12.33
N GLU A 215 -6.12 -9.22 -12.78
CA GLU A 215 -6.44 -10.54 -13.30
C GLU A 215 -6.55 -11.48 -12.12
N PRO A 216 -7.22 -12.63 -12.30
CA PRO A 216 -7.39 -13.61 -11.22
C PRO A 216 -6.09 -13.97 -10.51
N SER A 217 -6.11 -13.88 -9.19
CA SER A 217 -4.93 -14.18 -8.37
C SER A 217 -5.05 -15.51 -7.62
N PRO A 218 -3.93 -16.01 -7.08
CA PRO A 218 -3.88 -17.28 -6.35
C PRO A 218 -5.14 -17.65 -5.56
N GLN A 219 -5.55 -16.80 -4.64
CA GLN A 219 -6.73 -17.06 -3.83
C GLN A 219 -7.90 -16.21 -4.29
N ARG A 220 -7.65 -15.26 -5.19
CA ARG A 220 -8.69 -14.34 -5.67
C ARG A 220 -9.20 -13.47 -4.51
N THR A 221 -9.90 -14.10 -3.57
CA THR A 221 -10.43 -13.41 -2.39
C THR A 221 -9.49 -13.71 -1.21
N PRO A 222 -9.02 -12.67 -0.50
CA PRO A 222 -8.12 -12.96 0.62
C PRO A 222 -8.83 -13.85 1.65
N VAL A 223 -8.06 -14.50 2.53
CA VAL A 223 -8.70 -15.31 3.56
C VAL A 223 -9.38 -14.27 4.44
N ILE A 224 -10.60 -14.54 4.87
CA ILE A 224 -11.35 -13.56 5.64
C ILE A 224 -11.30 -13.69 7.16
N TYR A 225 -10.69 -12.69 7.79
CA TYR A 225 -10.58 -12.65 9.24
C TYR A 225 -11.71 -11.79 9.77
N GLN A 226 -12.16 -12.13 10.97
CA GLN A 226 -13.20 -11.35 11.60
C GLN A 226 -12.97 -11.47 13.09
N ALA A 227 -13.14 -10.35 13.80
CA ALA A 227 -12.94 -10.31 15.25
C ALA A 227 -14.04 -9.56 15.99
N GLY A 228 -14.99 -9.00 15.26
CA GLY A 228 -16.08 -8.30 15.91
C GLY A 228 -16.77 -9.25 16.87
N MET A 229 -16.82 -8.89 18.15
CA MET A 229 -17.45 -9.76 19.15
C MET A 229 -18.83 -9.29 19.61
N SER A 230 -19.36 -8.24 18.99
CA SER A 230 -20.69 -7.75 19.34
C SER A 230 -21.65 -8.75 18.72
N GLU A 231 -22.94 -8.58 18.95
CA GLU A 231 -23.86 -9.51 18.34
C GLU A 231 -23.77 -9.37 16.83
N ARG A 232 -24.04 -8.16 16.34
CA ARG A 232 -23.95 -7.90 14.91
C ARG A 232 -22.57 -8.33 14.41
N GLY A 233 -21.56 -8.09 15.23
CA GLY A 233 -20.20 -8.46 14.86
C GLY A 233 -20.10 -9.96 14.62
N ARG A 234 -20.66 -10.73 15.53
CA ARG A 234 -20.61 -12.18 15.41
C ARG A 234 -21.47 -12.67 14.24
N GLU A 235 -22.53 -11.94 13.91
CA GLU A 235 -23.37 -12.37 12.79
C GLU A 235 -22.63 -12.09 11.51
N PHE A 236 -21.76 -11.09 11.54
CA PHE A 236 -20.98 -10.77 10.35
C PHE A 236 -19.99 -11.92 10.17
N ALA A 237 -19.34 -12.28 11.28
CA ALA A 237 -18.36 -13.35 11.32
C ALA A 237 -18.96 -14.61 10.73
N ALA A 238 -20.06 -15.05 11.34
CA ALA A 238 -20.75 -16.25 10.91
C ALA A 238 -21.04 -16.24 9.43
N LYS A 239 -21.29 -15.05 8.89
CA LYS A 239 -21.62 -14.92 7.48
C LYS A 239 -20.43 -14.88 6.50
N HIS A 240 -19.36 -14.17 6.88
CA HIS A 240 -18.20 -13.99 6.01
C HIS A 240 -16.87 -14.65 6.37
N ALA A 241 -16.55 -14.64 7.65
CA ALA A 241 -15.27 -15.14 8.15
C ALA A 241 -14.88 -16.61 7.94
N GLU A 242 -13.60 -16.80 7.71
CA GLU A 242 -13.02 -18.13 7.53
C GLU A 242 -12.25 -18.35 8.82
N CYS A 243 -11.76 -17.26 9.39
CA CYS A 243 -11.03 -17.30 10.64
C CYS A 243 -11.65 -16.21 11.52
N VAL A 244 -12.21 -16.61 12.65
CA VAL A 244 -12.81 -15.66 13.56
C VAL A 244 -12.00 -15.59 14.85
N PHE A 245 -11.65 -14.39 15.27
CA PHE A 245 -10.89 -14.24 16.51
C PHE A 245 -11.83 -13.92 17.64
N LEU A 246 -12.02 -14.91 18.50
CA LEU A 246 -12.93 -14.85 19.64
C LEU A 246 -12.39 -14.18 20.90
N GLY A 247 -13.27 -13.55 21.65
CA GLY A 247 -12.89 -12.90 22.88
C GLY A 247 -13.05 -13.97 23.95
N GLY A 248 -12.34 -13.84 25.07
CA GLY A 248 -12.45 -14.82 26.12
C GLY A 248 -11.13 -15.40 26.57
N LYS A 249 -11.08 -15.89 27.80
CA LYS A 249 -9.86 -16.47 28.34
C LYS A 249 -10.13 -17.71 29.16
N ASP A 250 -11.36 -18.21 29.08
CA ASP A 250 -11.73 -19.41 29.83
C ASP A 250 -12.55 -20.33 28.97
N VAL A 251 -12.37 -21.63 29.17
CA VAL A 251 -13.09 -22.63 28.39
C VAL A 251 -14.55 -22.26 28.13
N GLU A 252 -15.29 -22.03 29.20
CA GLU A 252 -16.71 -21.69 29.09
C GLU A 252 -16.94 -20.57 28.08
N THR A 253 -16.35 -19.41 28.32
CA THR A 253 -16.52 -18.27 27.43
C THR A 253 -16.23 -18.60 25.96
N LEU A 254 -15.04 -19.10 25.70
CA LEU A 254 -14.66 -19.45 24.35
C LEU A 254 -15.64 -20.47 23.79
N LYS A 255 -15.94 -21.47 24.58
CA LYS A 255 -16.86 -22.54 24.17
C LYS A 255 -18.20 -21.97 23.74
N PHE A 256 -18.58 -20.86 24.37
CA PHE A 256 -19.85 -20.20 24.09
C PHE A 256 -19.86 -19.56 22.70
N PHE A 257 -18.86 -18.74 22.43
CA PHE A 257 -18.76 -18.06 21.14
C PHE A 257 -18.66 -19.03 19.97
N VAL A 258 -17.75 -19.99 20.07
CA VAL A 258 -17.57 -20.99 19.03
C VAL A 258 -18.94 -21.50 18.61
N ASP A 259 -19.69 -21.97 19.59
CA ASP A 259 -21.03 -22.49 19.34
C ASP A 259 -21.97 -21.43 18.79
N ASP A 260 -21.93 -20.23 19.36
CA ASP A 260 -22.80 -19.15 18.90
C ASP A 260 -22.53 -18.85 17.44
N ILE A 261 -21.27 -18.65 17.08
CA ILE A 261 -20.92 -18.35 15.70
C ILE A 261 -21.33 -19.48 14.75
N ARG A 262 -21.22 -20.71 15.21
CA ARG A 262 -21.61 -21.84 14.39
C ARG A 262 -23.12 -21.82 14.22
N LYS A 263 -23.84 -21.66 15.32
CA LYS A 263 -25.29 -21.62 15.28
C LYS A 263 -25.77 -20.53 14.34
N ARG A 264 -25.11 -19.37 14.36
CA ARG A 264 -25.51 -18.25 13.50
C ARG A 264 -25.24 -18.50 12.04
N ALA A 265 -24.19 -19.29 11.76
CA ALA A 265 -23.79 -19.61 10.39
C ALA A 265 -24.76 -20.52 9.64
N LYS A 266 -25.56 -21.28 10.39
CA LYS A 266 -26.52 -22.21 9.79
C LYS A 266 -27.48 -21.46 8.85
N LYS A 267 -27.84 -20.26 9.27
CA LYS A 267 -28.73 -19.38 8.54
C LYS A 267 -28.23 -19.15 7.11
N TYR A 268 -26.92 -19.22 6.94
CA TYR A 268 -26.33 -18.97 5.64
C TYR A 268 -25.89 -20.24 4.90
N GLY A 269 -26.32 -21.38 5.40
CA GLY A 269 -25.98 -22.65 4.78
C GLY A 269 -24.48 -22.90 4.73
N ARG A 270 -23.74 -22.32 5.67
CA ARG A 270 -22.30 -22.50 5.71
C ARG A 270 -21.96 -23.73 6.52
N ASN A 271 -20.87 -24.41 6.14
CA ASN A 271 -20.44 -25.57 6.88
C ASN A 271 -19.59 -25.04 8.02
N PRO A 272 -19.94 -25.40 9.26
CA PRO A 272 -19.18 -24.96 10.45
C PRO A 272 -17.70 -25.29 10.37
N ASP A 273 -17.39 -26.39 9.68
CA ASP A 273 -16.00 -26.83 9.52
C ASP A 273 -15.17 -25.83 8.70
N HIS A 274 -15.86 -25.02 7.89
CA HIS A 274 -15.20 -24.02 7.06
C HIS A 274 -14.93 -22.73 7.81
N ILE A 275 -14.91 -22.81 9.13
CA ILE A 275 -14.67 -21.65 9.99
C ILE A 275 -13.70 -22.01 11.11
N LYS A 276 -12.52 -21.40 11.10
CA LYS A 276 -11.51 -21.65 12.12
C LYS A 276 -11.69 -20.69 13.30
N MET A 277 -11.77 -21.24 14.49
CA MET A 277 -11.94 -20.46 15.71
C MET A 277 -10.59 -20.19 16.38
N PHE A 278 -10.33 -18.93 16.72
CA PHE A 278 -9.07 -18.58 17.38
C PHE A 278 -9.29 -17.90 18.72
N ALA A 279 -8.36 -18.13 19.63
CA ALA A 279 -8.44 -17.51 20.95
C ALA A 279 -7.18 -16.69 21.11
N GLY A 280 -7.26 -15.62 21.88
CA GLY A 280 -6.10 -14.79 22.10
C GLY A 280 -5.28 -15.33 23.25
N ILE A 281 -3.99 -15.01 23.29
CA ILE A 281 -3.16 -15.49 24.36
C ILE A 281 -1.81 -14.80 24.42
N CYS A 282 -1.42 -14.35 25.61
CA CYS A 282 -0.13 -13.73 25.78
C CYS A 282 0.66 -14.81 26.50
N VAL A 283 1.95 -14.92 26.19
CA VAL A 283 2.73 -15.97 26.81
C VAL A 283 4.08 -15.52 27.35
N ILE A 284 4.33 -15.89 28.61
CA ILE A 284 5.59 -15.57 29.28
C ILE A 284 6.16 -16.92 29.66
N VAL A 285 7.20 -17.37 28.96
CA VAL A 285 7.77 -18.66 29.30
C VAL A 285 9.17 -18.55 29.83
N GLY A 286 9.63 -19.65 30.41
CA GLY A 286 10.97 -19.74 30.96
C GLY A 286 11.29 -21.21 31.07
N LYS A 287 12.56 -21.54 31.21
CA LYS A 287 12.94 -22.94 31.34
C LYS A 287 12.43 -23.47 32.68
N THR A 288 12.38 -22.59 33.68
CA THR A 288 11.87 -22.94 35.01
C THR A 288 10.91 -21.82 35.42
N HIS A 289 9.94 -22.17 36.25
CA HIS A 289 8.92 -21.24 36.71
C HIS A 289 9.42 -19.82 37.05
N ASP A 290 10.48 -19.69 37.82
CA ASP A 290 10.96 -18.36 38.18
C ASP A 290 11.40 -17.50 37.01
N GLU A 291 12.01 -18.11 35.99
CA GLU A 291 12.45 -17.34 34.84
C GLU A 291 11.25 -16.64 34.23
N ALA A 292 10.13 -17.34 34.15
CA ALA A 292 8.90 -16.77 33.61
C ALA A 292 8.48 -15.62 34.51
N MET A 293 8.36 -15.91 35.80
CA MET A 293 7.97 -14.92 36.80
C MET A 293 8.85 -13.68 36.76
N GLU A 294 10.17 -13.87 36.64
CA GLU A 294 11.08 -12.73 36.58
C GLU A 294 10.70 -11.85 35.40
N LYS A 295 10.15 -12.47 34.35
CA LYS A 295 9.76 -11.72 33.17
C LYS A 295 8.43 -11.01 33.40
N LEU A 296 7.49 -11.69 34.05
CA LEU A 296 6.18 -11.09 34.32
C LEU A 296 6.36 -9.96 35.33
N ASN A 297 7.34 -10.10 36.22
CA ASN A 297 7.61 -9.07 37.21
C ASN A 297 8.24 -7.89 36.49
N SER A 298 9.12 -8.18 35.53
CA SER A 298 9.79 -7.15 34.77
C SER A 298 8.85 -6.38 33.86
N PHE A 299 7.74 -7.00 33.47
CA PHE A 299 6.77 -6.34 32.62
C PHE A 299 5.87 -5.50 33.49
N GLN A 300 5.49 -6.05 34.65
CA GLN A 300 4.61 -5.36 35.58
C GLN A 300 5.19 -3.97 35.93
N LYS A 301 6.51 -3.89 36.06
CA LYS A 301 7.15 -2.64 36.39
C LYS A 301 6.83 -1.51 35.39
N TYR A 302 6.53 -1.87 34.14
CA TYR A 302 6.24 -0.85 33.13
C TYR A 302 4.78 -0.83 32.66
N TRP A 303 3.96 -1.75 33.14
CA TRP A 303 2.57 -1.78 32.73
C TRP A 303 1.91 -0.48 33.20
N SER A 304 1.64 0.40 32.24
CA SER A 304 1.06 1.72 32.52
C SER A 304 -0.47 1.79 32.56
N LEU A 305 -1.00 1.95 33.77
CA LEU A 305 -2.45 2.03 33.96
C LEU A 305 -3.05 3.18 33.16
N GLU A 306 -2.34 4.30 33.12
CA GLU A 306 -2.80 5.48 32.42
C GLU A 306 -2.96 5.21 30.93
N GLY A 307 -2.09 4.37 30.37
CA GLY A 307 -2.18 4.06 28.96
C GLY A 307 -3.37 3.17 28.67
N HIS A 308 -3.57 2.17 29.54
CA HIS A 308 -4.67 1.23 29.38
C HIS A 308 -5.99 1.93 29.56
N LEU A 309 -5.98 2.93 30.43
CA LEU A 309 -7.16 3.71 30.70
C LEU A 309 -7.57 4.35 29.37
N ALA A 310 -6.56 4.89 28.67
CA ALA A 310 -6.76 5.55 27.38
C ALA A 310 -7.25 4.61 26.30
N HIS A 311 -6.71 3.40 26.30
CA HIS A 311 -7.09 2.39 25.32
C HIS A 311 -8.54 1.99 25.55
N TYR A 312 -8.86 1.76 26.82
CA TYR A 312 -10.21 1.39 27.22
C TYR A 312 -11.17 2.50 26.84
N GLY A 313 -10.72 3.74 27.01
CA GLY A 313 -11.54 4.89 26.68
C GLY A 313 -11.97 4.90 25.23
N GLY A 314 -11.00 4.80 24.32
CA GLY A 314 -11.30 4.81 22.90
C GLY A 314 -12.13 3.59 22.49
N GLY A 315 -11.80 2.44 23.07
CA GLY A 315 -12.49 1.21 22.73
C GLY A 315 -13.90 1.01 23.23
N THR A 316 -14.20 1.41 24.46
CA THR A 316 -15.55 1.23 24.99
C THR A 316 -16.38 2.49 24.81
N GLY A 317 -15.72 3.64 24.91
CA GLY A 317 -16.40 4.91 24.79
C GLY A 317 -16.55 5.51 26.17
N TYR A 318 -16.03 4.81 27.16
CA TYR A 318 -16.10 5.26 28.56
C TYR A 318 -14.87 6.00 29.04
N ASP A 319 -15.10 7.23 29.51
CA ASP A 319 -14.04 8.08 30.04
C ASP A 319 -14.05 7.90 31.55
N LEU A 320 -13.33 6.90 32.04
CA LEU A 320 -13.29 6.58 33.46
C LEU A 320 -13.02 7.74 34.41
N SER A 321 -12.34 8.77 33.94
CA SER A 321 -12.04 9.91 34.80
C SER A 321 -13.33 10.65 35.18
N LYS A 322 -14.34 10.57 34.31
CA LYS A 322 -15.62 11.21 34.57
C LYS A 322 -16.43 10.39 35.55
N TYR A 323 -15.80 9.33 36.06
CA TYR A 323 -16.45 8.42 37.00
C TYR A 323 -15.76 8.39 38.37
N SER A 324 -16.50 7.93 39.37
CA SER A 324 -15.95 7.82 40.71
C SER A 324 -15.72 6.33 40.92
N SER A 325 -14.70 5.99 41.69
CA SER A 325 -14.38 4.59 41.95
C SER A 325 -15.59 3.81 42.46
N ASN A 326 -16.52 4.53 43.10
CA ASN A 326 -17.72 3.90 43.64
C ASN A 326 -18.84 3.77 42.60
N ASP A 327 -18.60 4.28 41.40
CA ASP A 327 -19.58 4.21 40.33
C ASP A 327 -19.63 2.81 39.74
N TYR A 328 -20.70 2.53 38.98
CA TYR A 328 -20.89 1.22 38.36
C TYR A 328 -21.11 1.30 36.85
N ILE A 329 -20.17 0.80 36.07
CA ILE A 329 -20.34 0.84 34.62
C ILE A 329 -21.12 -0.37 34.15
N GLY A 330 -20.43 -1.43 33.73
CA GLY A 330 -21.16 -2.61 33.27
C GLY A 330 -22.10 -3.08 34.37
N SER A 331 -21.48 -3.57 35.45
CA SER A 331 -22.21 -4.06 36.61
C SER A 331 -21.08 -4.19 37.62
N ILE A 332 -19.90 -3.80 37.16
CA ILE A 332 -18.68 -3.83 37.95
C ILE A 332 -18.36 -2.39 38.34
N SER A 333 -17.85 -2.20 39.54
CA SER A 333 -17.52 -0.86 40.00
C SER A 333 -16.30 -0.34 39.25
N VAL A 334 -16.34 0.93 38.87
CA VAL A 334 -15.25 1.57 38.14
C VAL A 334 -13.92 1.27 38.87
N GLY A 335 -14.03 1.04 40.18
CA GLY A 335 -12.86 0.74 40.98
C GLY A 335 -12.27 -0.60 40.62
N GLU A 336 -13.12 -1.62 40.50
CA GLU A 336 -12.64 -2.94 40.14
C GLU A 336 -12.08 -2.83 38.73
N ILE A 337 -12.85 -2.20 37.84
CA ILE A 337 -12.43 -2.02 36.46
C ILE A 337 -11.02 -1.43 36.40
N ILE A 338 -10.81 -0.31 37.09
CA ILE A 338 -9.50 0.33 37.10
C ILE A 338 -8.45 -0.56 37.78
N ASN A 339 -8.87 -1.34 38.76
CA ASN A 339 -7.91 -2.19 39.42
C ASN A 339 -7.54 -3.38 38.53
N ASN A 340 -8.56 -4.01 37.93
CA ASN A 340 -8.31 -5.17 37.07
C ASN A 340 -7.60 -4.76 35.80
N MET A 341 -7.47 -3.46 35.61
CA MET A 341 -6.82 -2.94 34.42
C MET A 341 -5.33 -2.75 34.67
N SER A 342 -4.95 -2.63 35.94
CA SER A 342 -3.56 -2.44 36.29
C SER A 342 -2.83 -3.76 36.45
N LYS A 343 -3.54 -4.87 36.25
CA LYS A 343 -2.92 -6.18 36.38
C LYS A 343 -2.68 -6.83 35.02
N LEU A 344 -1.48 -7.38 34.85
CA LEU A 344 -1.07 -7.99 33.60
C LEU A 344 -1.96 -9.08 33.03
N ASP A 345 -2.83 -9.68 33.84
CA ASP A 345 -3.69 -10.74 33.33
C ASP A 345 -5.15 -10.32 33.29
N GLY A 346 -5.37 -9.01 33.23
CA GLY A 346 -6.72 -8.49 33.20
C GLY A 346 -7.33 -8.30 31.82
N LYS A 347 -6.56 -8.60 30.78
CA LYS A 347 -7.05 -8.44 29.41
C LYS A 347 -8.04 -9.55 29.10
N TRP A 348 -8.80 -9.41 28.02
CA TRP A 348 -9.79 -10.41 27.65
C TRP A 348 -9.25 -11.62 26.88
N PHE A 349 -8.02 -12.00 27.21
CA PHE A 349 -7.37 -13.14 26.60
C PHE A 349 -6.51 -13.83 27.66
N LYS A 350 -6.26 -15.12 27.45
CA LYS A 350 -5.46 -15.91 28.40
C LYS A 350 -4.03 -15.39 28.53
N LEU A 351 -3.47 -15.57 29.72
CA LEU A 351 -2.09 -15.16 30.01
C LEU A 351 -1.41 -16.36 30.66
N SER A 352 -0.70 -17.14 29.86
CA SER A 352 -0.03 -18.31 30.39
C SER A 352 1.40 -18.02 30.79
N VAL A 353 1.72 -18.26 32.05
CA VAL A 353 3.07 -18.02 32.56
C VAL A 353 3.67 -19.30 33.11
N GLY A 354 4.94 -19.54 32.81
CA GLY A 354 5.58 -20.73 33.30
C GLY A 354 6.58 -21.36 32.36
N THR A 355 6.71 -22.68 32.48
CA THR A 355 7.63 -23.45 31.66
C THR A 355 6.92 -23.88 30.39
N PRO A 356 7.71 -24.30 29.38
CA PRO A 356 7.16 -24.77 28.11
C PRO A 356 6.02 -25.75 28.30
N LYS A 357 6.22 -26.73 29.18
CA LYS A 357 5.18 -27.72 29.41
C LYS A 357 3.86 -27.09 29.85
N LYS A 358 3.88 -26.37 30.96
CA LYS A 358 2.67 -25.73 31.46
C LYS A 358 1.94 -24.94 30.38
N VAL A 359 2.67 -24.06 29.70
CA VAL A 359 2.10 -23.25 28.65
C VAL A 359 1.41 -24.06 27.58
N ALA A 360 2.10 -25.10 27.12
CA ALA A 360 1.56 -26.00 26.11
C ALA A 360 0.33 -26.69 26.69
N ASP A 361 0.44 -27.21 27.90
CA ASP A 361 -0.69 -27.88 28.54
C ASP A 361 -1.94 -27.01 28.55
N GLU A 362 -1.80 -25.74 28.89
CA GLU A 362 -2.97 -24.86 28.92
C GLU A 362 -3.50 -24.56 27.54
N MET A 363 -2.61 -24.38 26.57
CA MET A 363 -3.06 -24.12 25.22
C MET A 363 -3.86 -25.35 24.79
N GLN A 364 -3.26 -26.51 25.01
CA GLN A 364 -3.90 -27.76 24.66
C GLN A 364 -5.23 -27.92 25.38
N TYR A 365 -5.33 -27.37 26.58
CA TYR A 365 -6.56 -27.49 27.34
C TYR A 365 -7.69 -26.70 26.70
N LEU A 366 -7.40 -25.48 26.25
CA LEU A 366 -8.41 -24.67 25.60
C LEU A 366 -8.86 -25.37 24.32
N VAL A 367 -7.88 -25.75 23.51
CA VAL A 367 -8.16 -26.42 22.26
C VAL A 367 -8.98 -27.68 22.41
N GLU A 368 -8.59 -28.55 23.34
CA GLU A 368 -9.32 -29.81 23.53
C GLU A 368 -10.60 -29.68 24.34
N GLU A 369 -10.75 -28.60 25.10
CA GLU A 369 -11.95 -28.43 25.92
C GLU A 369 -12.87 -27.30 25.47
N ALA A 370 -12.36 -26.37 24.67
CA ALA A 370 -13.18 -25.27 24.18
C ALA A 370 -13.50 -25.49 22.71
N GLY A 371 -12.72 -26.35 22.07
CA GLY A 371 -12.95 -26.65 20.67
C GLY A 371 -12.44 -25.60 19.71
N ILE A 372 -11.44 -24.83 20.13
CA ILE A 372 -10.88 -23.80 19.29
C ILE A 372 -9.87 -24.47 18.35
N ASP A 373 -9.57 -23.81 17.22
CA ASP A 373 -8.65 -24.35 16.22
C ASP A 373 -7.27 -23.73 16.25
N GLY A 374 -7.15 -22.56 16.86
CA GLY A 374 -5.85 -21.93 16.90
C GLY A 374 -5.77 -20.76 17.85
N PHE A 375 -4.60 -20.12 17.86
CA PHE A 375 -4.38 -18.99 18.72
C PHE A 375 -3.81 -17.79 18.00
N ASN A 376 -4.03 -16.62 18.61
CA ASN A 376 -3.53 -15.36 18.13
C ASN A 376 -2.62 -14.93 19.27
N LEU A 377 -1.32 -15.16 19.10
CA LEU A 377 -0.32 -14.84 20.11
C LEU A 377 -0.17 -13.33 20.28
N VAL A 378 -0.24 -12.87 21.52
CA VAL A 378 -0.13 -11.45 21.80
C VAL A 378 1.20 -11.09 22.45
N GLN A 379 1.79 -9.98 22.03
CA GLN A 379 3.08 -9.52 22.55
C GLN A 379 2.98 -8.61 23.77
N TYR A 380 4.00 -8.69 24.62
CA TYR A 380 4.09 -7.81 25.78
C TYR A 380 5.41 -7.09 25.56
N VAL A 381 6.31 -7.76 24.87
CA VAL A 381 7.62 -7.19 24.58
C VAL A 381 8.10 -7.71 23.22
N SER A 382 8.77 -6.85 22.44
CA SER A 382 9.27 -7.23 21.12
C SER A 382 10.79 -7.16 21.01
N PRO A 383 11.43 -8.24 20.52
CA PRO A 383 10.87 -9.50 20.02
C PRO A 383 10.74 -10.58 21.10
N GLY A 384 10.86 -10.17 22.36
CA GLY A 384 10.79 -11.09 23.46
C GLY A 384 9.78 -12.23 23.47
N THR A 385 8.50 -11.91 23.56
CA THR A 385 7.49 -12.97 23.64
C THR A 385 7.43 -13.86 22.40
N PHE A 386 7.70 -13.31 21.22
CA PHE A 386 7.69 -14.11 20.00
C PHE A 386 8.92 -15.03 19.97
N VAL A 387 10.06 -14.48 20.33
CA VAL A 387 11.31 -15.24 20.37
C VAL A 387 11.25 -16.33 21.44
N ASP A 388 10.79 -15.98 22.64
CA ASP A 388 10.69 -16.95 23.72
C ASP A 388 9.75 -18.08 23.32
N PHE A 389 8.55 -17.71 22.87
CA PHE A 389 7.56 -18.70 22.46
C PHE A 389 8.09 -19.63 21.40
N ILE A 390 8.79 -19.09 20.42
CA ILE A 390 9.33 -19.90 19.35
C ILE A 390 10.46 -20.82 19.79
N GLU A 391 11.29 -20.32 20.70
CA GLU A 391 12.41 -21.08 21.18
C GLU A 391 12.08 -22.16 22.23
N LEU A 392 11.09 -21.91 23.08
CA LEU A 392 10.72 -22.85 24.13
C LEU A 392 9.39 -23.61 23.93
N VAL A 393 8.32 -22.88 23.67
CA VAL A 393 7.01 -23.50 23.53
C VAL A 393 6.81 -24.34 22.27
N VAL A 394 7.06 -23.75 21.09
CA VAL A 394 6.91 -24.46 19.81
C VAL A 394 7.49 -25.88 19.82
N PRO A 395 8.74 -26.06 20.30
CA PRO A 395 9.29 -27.43 20.32
C PRO A 395 8.39 -28.36 21.14
N GLU A 396 7.99 -27.90 22.33
CA GLU A 396 7.12 -28.66 23.21
C GLU A 396 5.83 -29.07 22.50
N LEU A 397 5.26 -28.12 21.75
CA LEU A 397 4.03 -28.35 21.00
C LEU A 397 4.25 -29.31 19.83
N GLN A 398 5.44 -29.28 19.25
CA GLN A 398 5.77 -30.15 18.13
C GLN A 398 6.05 -31.57 18.61
N LYS A 399 6.66 -31.66 19.79
CA LYS A 399 6.98 -32.94 20.40
C LYS A 399 5.69 -33.70 20.67
N ARG A 400 4.61 -32.95 20.89
CA ARG A 400 3.30 -33.52 21.18
C ARG A 400 2.39 -33.65 19.98
N GLY A 401 2.87 -33.26 18.80
CA GLY A 401 2.04 -33.35 17.61
C GLY A 401 0.85 -32.41 17.63
N LEU A 402 1.03 -31.27 18.29
CA LEU A 402 0.01 -30.23 18.42
C LEU A 402 0.28 -29.05 17.49
N TYR A 403 1.53 -28.94 17.05
CA TYR A 403 1.95 -27.86 16.16
C TYR A 403 2.79 -28.45 15.03
N ARG A 404 2.62 -27.91 13.83
CA ARG A 404 3.35 -28.38 12.66
C ARG A 404 4.86 -28.32 12.85
N VAL A 405 5.56 -29.27 12.24
CA VAL A 405 7.02 -29.29 12.34
C VAL A 405 7.55 -28.54 11.11
N ASP A 406 6.69 -28.40 10.10
CA ASP A 406 7.02 -27.65 8.90
C ASP A 406 5.75 -27.31 8.15
N TYR A 407 5.81 -26.24 7.36
CA TYR A 407 4.67 -25.75 6.58
C TYR A 407 4.08 -26.68 5.53
N GLU A 408 2.79 -26.51 5.29
CA GLU A 408 2.10 -27.28 4.26
C GLU A 408 2.23 -26.45 3.01
N GLU A 409 2.43 -27.12 1.89
CA GLU A 409 2.59 -26.43 0.62
C GLU A 409 1.28 -25.83 0.11
N GLY A 410 1.35 -24.62 -0.44
CA GLY A 410 0.16 -23.98 -0.98
C GLY A 410 -0.14 -22.56 -0.53
N THR A 411 -1.32 -22.07 -0.91
CA THR A 411 -1.76 -20.74 -0.52
C THR A 411 -2.18 -20.79 0.93
N TYR A 412 -2.41 -19.63 1.55
CA TYR A 412 -2.83 -19.60 2.94
C TYR A 412 -4.13 -20.35 3.14
N ARG A 413 -5.11 -20.11 2.26
CA ARG A 413 -6.37 -20.80 2.41
C ARG A 413 -6.16 -22.30 2.39
N GLU A 414 -5.29 -22.77 1.51
CA GLU A 414 -5.02 -24.21 1.43
C GLU A 414 -4.37 -24.67 2.74
N LYS A 415 -3.37 -23.93 3.21
CA LYS A 415 -2.70 -24.28 4.46
C LYS A 415 -3.75 -24.33 5.59
N LEU A 416 -4.79 -23.51 5.47
CA LEU A 416 -5.86 -23.47 6.45
C LEU A 416 -6.89 -24.57 6.22
N PHE A 417 -7.42 -24.67 5.01
CA PHE A 417 -8.44 -25.69 4.75
C PHE A 417 -8.07 -26.88 3.87
N GLY A 418 -6.76 -27.08 3.63
CA GLY A 418 -6.32 -28.20 2.83
C GLY A 418 -5.91 -27.91 1.40
N LYS A 419 -5.05 -28.77 0.86
CA LYS A 419 -4.57 -28.61 -0.49
C LYS A 419 -5.73 -28.64 -1.46
N GLY A 420 -5.63 -27.86 -2.53
CA GLY A 420 -6.69 -27.80 -3.52
C GLY A 420 -7.75 -26.75 -3.23
N ASN A 421 -7.94 -26.46 -1.95
CA ASN A 421 -8.94 -25.47 -1.52
C ASN A 421 -8.33 -24.09 -1.42
N TYR A 422 -7.81 -23.58 -2.54
CA TYR A 422 -7.21 -22.26 -2.55
C TYR A 422 -8.23 -21.14 -2.69
N ARG A 423 -9.39 -21.45 -3.25
CA ARG A 423 -10.44 -20.48 -3.40
C ARG A 423 -11.65 -20.86 -2.55
N LEU A 424 -12.40 -19.86 -2.10
CA LEU A 424 -13.58 -20.10 -1.27
C LEU A 424 -14.50 -21.25 -1.74
N PRO A 425 -15.06 -22.02 -0.77
CA PRO A 425 -15.95 -23.17 -0.98
C PRO A 425 -17.34 -22.78 -1.52
N ASP A 426 -17.99 -23.69 -2.25
CA ASP A 426 -19.32 -23.41 -2.81
C ASP A 426 -20.31 -22.82 -1.81
N ASP A 427 -20.23 -23.27 -0.55
CA ASP A 427 -21.15 -22.83 0.50
C ASP A 427 -20.87 -21.42 1.03
N HIS A 428 -19.82 -20.80 0.50
CA HIS A 428 -19.48 -19.46 0.95
C HIS A 428 -20.17 -18.43 0.07
N ILE A 429 -20.73 -17.39 0.69
CA ILE A 429 -21.43 -16.33 -0.05
C ILE A 429 -20.69 -15.94 -1.33
N ALA A 430 -19.45 -15.49 -1.18
CA ALA A 430 -18.64 -15.06 -2.31
C ALA A 430 -18.86 -15.89 -3.57
N ALA A 431 -19.02 -17.20 -3.40
CA ALA A 431 -19.20 -18.11 -4.52
C ALA A 431 -20.42 -17.81 -5.39
N ARG A 432 -21.37 -17.06 -4.86
CA ARG A 432 -22.58 -16.73 -5.62
C ARG A 432 -22.25 -15.83 -6.80
N TYR A 433 -21.07 -15.21 -6.74
CA TYR A 433 -20.67 -14.29 -7.78
C TYR A 433 -19.58 -14.85 -8.68
N ARG A 434 -19.58 -16.16 -8.90
CA ARG A 434 -18.54 -16.77 -9.71
C ARG A 434 -18.77 -16.93 -11.21
N ASN A 435 -20.01 -17.10 -11.63
CA ASN A 435 -20.29 -17.27 -13.06
C ASN A 435 -21.73 -16.90 -13.39
N MET B 1 32.09 22.86 -11.98
CA MET B 1 31.70 21.42 -12.03
C MET B 1 30.49 21.19 -12.93
N THR B 2 30.59 20.17 -13.78
CA THR B 2 29.50 19.84 -14.68
C THR B 2 28.50 18.95 -13.97
N LYS B 3 27.26 19.44 -13.86
CA LYS B 3 26.19 18.69 -13.20
C LYS B 3 25.85 17.42 -13.97
N LYS B 4 25.41 16.41 -13.25
CA LYS B 4 25.05 15.12 -13.84
C LYS B 4 23.60 15.12 -14.32
N ILE B 5 23.27 14.20 -15.21
CA ILE B 5 21.92 14.08 -15.72
C ILE B 5 21.14 13.11 -14.83
N HIS B 6 20.07 13.58 -14.20
CA HIS B 6 19.28 12.70 -13.36
C HIS B 6 18.56 11.72 -14.26
N ILE B 7 18.54 10.46 -13.88
CA ILE B 7 17.89 9.43 -14.70
C ILE B 7 16.89 8.55 -13.95
N ASN B 8 15.65 8.56 -14.43
CA ASN B 8 14.60 7.74 -13.85
C ASN B 8 14.23 6.59 -14.78
N ALA B 9 13.88 5.45 -14.19
CA ALA B 9 13.46 4.29 -14.95
C ALA B 9 11.94 4.37 -14.95
N PHE B 10 11.35 4.42 -16.15
CA PHE B 10 9.88 4.51 -16.27
C PHE B 10 9.21 3.14 -16.25
N GLU B 11 8.37 2.92 -15.24
CA GLU B 11 7.65 1.66 -15.07
C GLU B 11 6.17 1.80 -14.72
N MET B 12 5.46 0.68 -14.74
CA MET B 12 4.05 0.65 -14.38
C MET B 12 3.76 -0.77 -13.96
N ASN B 13 3.02 -0.95 -12.88
CA ASN B 13 2.69 -2.28 -12.39
C ASN B 13 1.64 -2.95 -13.27
N CYS B 14 1.99 -3.18 -14.53
CA CYS B 14 1.11 -3.80 -15.49
C CYS B 14 1.91 -4.51 -16.57
N VAL B 15 1.22 -4.91 -17.62
CA VAL B 15 1.83 -5.62 -18.74
C VAL B 15 2.29 -4.60 -19.79
N GLY B 16 1.33 -4.06 -20.56
CA GLY B 16 1.66 -3.08 -21.58
C GLY B 16 1.59 -1.66 -21.07
N HIS B 17 2.75 -1.00 -21.00
CA HIS B 17 2.82 0.36 -20.51
C HIS B 17 2.75 1.38 -21.65
N ILE B 18 3.80 1.43 -22.48
CA ILE B 18 3.85 2.34 -23.60
C ILE B 18 4.08 1.59 -24.91
N ALA B 19 5.13 0.78 -24.95
CA ALA B 19 5.47 -0.01 -26.14
C ALA B 19 4.46 -1.15 -26.33
N HIS B 20 3.28 -0.81 -26.82
CA HIS B 20 2.22 -1.79 -27.02
C HIS B 20 2.42 -2.85 -28.08
N GLY B 21 2.26 -4.10 -27.66
CA GLY B 21 2.42 -5.22 -28.56
C GLY B 21 3.72 -5.93 -28.29
N LEU B 22 4.61 -5.27 -27.55
CA LEU B 22 5.91 -5.83 -27.25
C LEU B 22 5.94 -6.89 -26.16
N TRP B 23 4.80 -7.18 -25.56
CA TRP B 23 4.78 -8.19 -24.54
C TRP B 23 5.04 -9.53 -25.24
N ARG B 24 4.89 -9.54 -26.56
CA ARG B 24 5.10 -10.75 -27.35
C ARG B 24 6.54 -10.96 -27.73
N HIS B 25 7.36 -9.93 -27.54
CA HIS B 25 8.78 -10.01 -27.88
C HIS B 25 9.42 -11.14 -27.09
N PRO B 26 10.15 -12.04 -27.77
CA PRO B 26 10.82 -13.17 -27.12
C PRO B 26 11.62 -12.80 -25.88
N GLU B 27 12.20 -11.61 -25.90
CA GLU B 27 13.03 -11.19 -24.77
C GLU B 27 12.33 -10.41 -23.67
N ASN B 28 11.07 -10.04 -23.90
CA ASN B 28 10.34 -9.26 -22.90
C ASN B 28 9.87 -10.09 -21.71
N GLN B 29 9.57 -9.42 -20.60
CA GLN B 29 9.12 -10.12 -19.40
C GLN B 29 7.98 -9.42 -18.69
N ARG B 30 7.14 -8.71 -19.45
CA ARG B 30 6.02 -8.00 -18.85
C ARG B 30 5.04 -8.95 -18.16
N HIS B 31 5.08 -10.22 -18.51
CA HIS B 31 4.18 -11.20 -17.93
C HIS B 31 4.61 -11.54 -16.51
N ARG B 32 5.62 -10.81 -16.01
CA ARG B 32 6.14 -11.04 -14.67
C ARG B 32 5.82 -9.92 -13.72
N TYR B 33 4.95 -9.01 -14.12
CA TYR B 33 4.61 -7.89 -13.26
C TYR B 33 3.98 -8.37 -11.94
N THR B 34 3.33 -9.53 -11.97
CA THR B 34 2.68 -10.09 -10.79
C THR B 34 3.67 -10.74 -9.82
N ASP B 35 4.87 -11.01 -10.32
CA ASP B 35 5.92 -11.63 -9.53
C ASP B 35 6.69 -10.58 -8.74
N LEU B 36 6.76 -10.76 -7.43
CA LEU B 36 7.46 -9.81 -6.57
C LEU B 36 8.95 -9.78 -6.87
N ASN B 37 9.48 -10.91 -7.33
CA ASN B 37 10.89 -11.02 -7.63
C ASN B 37 11.32 -10.20 -8.82
N TYR B 38 10.42 -10.01 -9.77
CA TYR B 38 10.75 -9.22 -10.93
C TYR B 38 11.13 -7.81 -10.48
N TRP B 39 10.31 -7.23 -9.59
CA TRP B 39 10.52 -5.87 -9.10
C TRP B 39 11.75 -5.69 -8.23
N THR B 40 11.94 -6.56 -7.25
CA THR B 40 13.11 -6.43 -6.40
C THR B 40 14.36 -6.54 -7.27
N GLU B 41 14.36 -7.49 -8.19
CA GLU B 41 15.49 -7.68 -9.09
C GLU B 41 15.69 -6.42 -9.93
N LEU B 42 14.59 -5.81 -10.36
CA LEU B 42 14.65 -4.59 -11.16
C LEU B 42 15.30 -3.49 -10.34
N ALA B 43 14.84 -3.37 -9.10
CA ALA B 43 15.35 -2.36 -8.18
C ALA B 43 16.84 -2.51 -8.05
N GLN B 44 17.29 -3.76 -7.83
CA GLN B 44 18.70 -4.05 -7.69
C GLN B 44 19.44 -3.64 -8.97
N LEU B 45 18.86 -3.95 -10.11
CA LEU B 45 19.46 -3.58 -11.39
C LEU B 45 19.66 -2.07 -11.46
N LEU B 46 18.54 -1.35 -11.34
CA LEU B 46 18.59 0.09 -11.40
C LEU B 46 19.61 0.69 -10.44
N GLU B 47 19.72 0.13 -9.24
CA GLU B 47 20.68 0.68 -8.29
C GLU B 47 22.12 0.46 -8.70
N LYS B 48 22.49 -0.77 -9.06
CA LYS B 48 23.85 -1.02 -9.47
C LYS B 48 24.15 -0.19 -10.72
N GLY B 49 23.10 0.36 -11.31
CA GLY B 49 23.25 1.19 -12.49
C GLY B 49 23.25 2.68 -12.14
N LYS B 50 23.17 2.97 -10.84
CA LYS B 50 23.18 4.34 -10.33
C LYS B 50 21.97 5.20 -10.71
N PHE B 51 20.86 4.57 -11.05
CA PHE B 51 19.67 5.34 -11.40
C PHE B 51 19.21 6.19 -10.23
N ASP B 52 18.65 7.35 -10.52
CA ASP B 52 18.14 8.22 -9.47
C ASP B 52 16.94 7.56 -8.80
N ALA B 53 15.95 7.18 -9.60
CA ALA B 53 14.75 6.58 -9.04
C ALA B 53 13.95 5.75 -10.03
N LEU B 54 13.08 4.89 -9.48
CA LEU B 54 12.18 4.05 -10.26
C LEU B 54 10.91 4.89 -10.32
N PHE B 55 10.50 5.26 -11.51
CA PHE B 55 9.29 6.07 -11.66
C PHE B 55 8.11 5.16 -12.04
N LEU B 56 7.14 5.05 -11.15
CA LEU B 56 5.97 4.22 -11.40
C LEU B 56 4.72 5.00 -11.78
N ALA B 57 4.26 4.80 -13.01
CA ALA B 57 3.07 5.46 -13.51
C ALA B 57 1.90 4.61 -13.04
N ASP B 58 0.69 5.13 -13.21
CA ASP B 58 -0.49 4.38 -12.81
C ASP B 58 -1.76 4.99 -13.40
N VAL B 59 -2.80 4.16 -13.46
CA VAL B 59 -4.11 4.58 -13.95
C VAL B 59 -5.12 3.69 -13.23
N VAL B 60 -6.17 4.31 -12.69
CA VAL B 60 -7.19 3.55 -12.00
C VAL B 60 -8.38 3.41 -12.93
N GLY B 61 -8.22 3.90 -14.15
CA GLY B 61 -9.27 3.81 -15.13
C GLY B 61 -8.90 2.86 -16.26
N ILE B 62 -9.84 2.60 -17.13
CA ILE B 62 -9.61 1.70 -18.26
C ILE B 62 -9.61 2.48 -19.58
N TYR B 63 -8.83 1.98 -20.54
CA TYR B 63 -8.75 2.60 -21.86
C TYR B 63 -9.88 1.96 -22.69
N ASP B 64 -11.06 2.55 -22.59
CA ASP B 64 -12.23 2.03 -23.29
C ASP B 64 -12.83 3.06 -24.22
N VAL B 65 -11.98 3.93 -24.75
CA VAL B 65 -12.42 4.98 -25.65
C VAL B 65 -12.36 4.54 -27.12
N TYR B 66 -11.27 3.86 -27.48
CA TYR B 66 -11.07 3.37 -28.84
C TYR B 66 -12.09 2.29 -29.21
N ARG B 67 -12.92 2.59 -30.19
CA ARG B 67 -13.95 1.67 -30.64
C ARG B 67 -15.02 1.50 -29.58
N GLN B 68 -15.17 2.53 -28.73
CA GLN B 68 -16.16 2.49 -27.65
C GLN B 68 -16.19 1.15 -26.91
N SER B 69 -15.02 0.69 -26.46
CA SER B 69 -14.92 -0.59 -25.76
C SER B 69 -13.53 -0.84 -25.19
N ARG B 70 -13.46 -1.58 -24.09
CA ARG B 70 -12.20 -1.89 -23.45
C ARG B 70 -11.55 -3.13 -24.05
N ASP B 71 -12.28 -3.84 -24.91
CA ASP B 71 -11.76 -5.06 -25.53
C ASP B 71 -10.37 -4.91 -26.11
N THR B 72 -10.15 -3.89 -26.94
CA THR B 72 -8.83 -3.66 -27.53
C THR B 72 -7.80 -3.55 -26.41
N ALA B 73 -8.12 -2.71 -25.42
CA ALA B 73 -7.24 -2.50 -24.27
C ALA B 73 -7.01 -3.82 -23.57
N VAL B 74 -8.08 -4.59 -23.37
CA VAL B 74 -7.96 -5.88 -22.70
C VAL B 74 -7.18 -6.85 -23.57
N ARG B 75 -7.65 -7.03 -24.80
CA ARG B 75 -7.01 -7.96 -25.73
C ARG B 75 -5.51 -7.77 -25.87
N GLU B 76 -5.06 -6.52 -25.81
CA GLU B 76 -3.64 -6.22 -25.96
C GLU B 76 -2.95 -5.76 -24.67
N ALA B 77 -3.61 -5.96 -23.54
CA ALA B 77 -3.04 -5.56 -22.26
C ALA B 77 -2.60 -4.10 -22.23
N VAL B 78 -3.43 -3.21 -22.76
CA VAL B 78 -3.07 -1.80 -22.74
C VAL B 78 -3.38 -1.28 -21.34
N GLN B 79 -2.35 -1.30 -20.50
CA GLN B 79 -2.47 -0.84 -19.13
C GLN B 79 -3.58 -1.49 -18.32
N ILE B 80 -3.78 -2.78 -18.60
CA ILE B 80 -4.76 -3.59 -17.89
C ILE B 80 -4.47 -5.07 -18.21
N PRO B 81 -4.41 -5.92 -17.18
CA PRO B 81 -4.59 -5.61 -15.76
C PRO B 81 -3.61 -4.58 -15.22
N VAL B 82 -3.99 -3.95 -14.11
CA VAL B 82 -3.16 -2.94 -13.46
C VAL B 82 -3.14 -3.22 -11.97
N ASN B 83 -1.97 -3.30 -11.39
CA ASN B 83 -1.89 -3.55 -9.97
C ASN B 83 -1.45 -2.26 -9.29
N ASP B 84 -1.70 -2.16 -7.99
CA ASP B 84 -1.31 -0.97 -7.23
C ASP B 84 0.22 -0.88 -7.15
N PRO B 85 0.78 0.30 -7.45
CA PRO B 85 2.23 0.49 -7.40
C PRO B 85 2.80 0.64 -5.99
N LEU B 86 2.08 1.32 -5.10
CA LEU B 86 2.54 1.54 -3.74
C LEU B 86 2.82 0.25 -2.98
N MET B 87 2.13 -0.81 -3.36
CA MET B 87 2.31 -2.11 -2.70
C MET B 87 3.65 -2.73 -3.09
N LEU B 88 4.32 -2.12 -4.04
CA LEU B 88 5.60 -2.65 -4.52
C LEU B 88 6.81 -2.07 -3.81
N ILE B 89 6.65 -0.90 -3.22
CA ILE B 89 7.76 -0.19 -2.60
C ILE B 89 8.61 -0.84 -1.52
N SER B 90 8.01 -1.24 -0.40
CA SER B 90 8.78 -1.83 0.69
C SER B 90 9.69 -2.98 0.29
N ALA B 91 9.26 -3.83 -0.64
CA ALA B 91 10.10 -4.93 -1.07
C ALA B 91 11.30 -4.33 -1.78
N MET B 92 11.03 -3.49 -2.76
CA MET B 92 12.11 -2.85 -3.51
C MET B 92 12.95 -1.93 -2.61
N ALA B 93 12.30 -1.31 -1.64
CA ALA B 93 13.01 -0.42 -0.73
C ALA B 93 13.99 -1.23 0.11
N TYR B 94 13.51 -2.36 0.62
CA TYR B 94 14.31 -3.25 1.46
C TYR B 94 15.58 -3.73 0.80
N VAL B 95 15.48 -4.01 -0.50
CA VAL B 95 16.58 -4.52 -1.27
C VAL B 95 17.58 -3.49 -1.79
N THR B 96 17.23 -2.22 -1.78
CA THR B 96 18.16 -1.18 -2.25
C THR B 96 18.55 -0.24 -1.11
N LYS B 97 19.61 0.53 -1.34
CA LYS B 97 20.06 1.48 -0.34
C LYS B 97 19.87 2.94 -0.77
N HIS B 98 20.11 3.22 -2.04
CA HIS B 98 20.00 4.58 -2.55
C HIS B 98 18.92 4.89 -3.58
N LEU B 99 18.56 3.89 -4.37
CA LEU B 99 17.55 4.04 -5.42
C LEU B 99 16.25 4.57 -4.82
N ALA B 100 15.70 5.62 -5.44
CA ALA B 100 14.47 6.23 -4.94
C ALA B 100 13.22 5.72 -5.65
N PHE B 101 12.06 6.02 -5.08
CA PHE B 101 10.82 5.58 -5.68
C PHE B 101 9.76 6.65 -5.78
N ALA B 102 9.40 6.94 -7.03
CA ALA B 102 8.37 7.93 -7.34
C ALA B 102 7.12 7.14 -7.72
N VAL B 103 6.05 7.33 -6.96
CA VAL B 103 4.81 6.63 -7.23
C VAL B 103 3.69 7.58 -7.65
N THR B 104 3.00 7.21 -8.73
CA THR B 104 1.90 8.00 -9.25
C THR B 104 0.65 7.79 -8.39
N PHE B 105 -0.07 8.87 -8.12
CA PHE B 105 -1.30 8.75 -7.34
C PHE B 105 -2.26 9.90 -7.58
N SER B 106 -3.45 9.53 -8.04
CA SER B 106 -4.49 10.49 -8.34
C SER B 106 -5.08 11.10 -7.09
N THR B 107 -5.51 12.35 -7.19
CA THR B 107 -6.09 13.08 -6.07
C THR B 107 -7.59 13.27 -6.32
N THR B 108 -8.05 12.75 -7.45
CA THR B 108 -9.44 12.89 -7.86
C THR B 108 -10.41 11.89 -7.22
N TYR B 109 -9.89 10.80 -6.65
CA TYR B 109 -10.77 9.77 -6.08
C TYR B 109 -10.74 9.46 -4.58
N GLU B 110 -9.54 9.21 -4.03
CA GLU B 110 -9.41 8.85 -2.62
C GLU B 110 -8.98 9.97 -1.66
N HIS B 111 -9.65 10.01 -0.50
CA HIS B 111 -9.40 11.02 0.52
C HIS B 111 -7.95 11.16 1.01
N PRO B 112 -7.46 12.40 1.12
CA PRO B 112 -6.12 12.83 1.54
C PRO B 112 -5.61 12.31 2.87
N TYR B 113 -6.50 12.13 3.83
CA TYR B 113 -6.08 11.66 5.14
C TYR B 113 -5.40 10.31 4.98
N GLY B 114 -6.16 9.34 4.49
CA GLY B 114 -5.61 8.02 4.29
C GLY B 114 -4.30 8.02 3.52
N HIS B 115 -4.29 8.72 2.39
CA HIS B 115 -3.08 8.77 1.56
C HIS B 115 -1.92 9.43 2.28
N ALA B 116 -2.24 10.35 3.18
CA ALA B 116 -1.19 11.01 3.93
C ALA B 116 -0.42 9.95 4.72
N ARG B 117 -1.12 9.08 5.45
CA ARG B 117 -0.43 8.06 6.22
C ARG B 117 0.38 7.09 5.36
N ARG B 118 -0.11 6.76 4.16
CA ARG B 118 0.62 5.85 3.28
C ARG B 118 1.96 6.42 2.90
N MET B 119 1.96 7.70 2.49
CA MET B 119 3.20 8.36 2.07
C MET B 119 4.13 8.49 3.26
N SER B 120 3.59 8.96 4.39
CA SER B 120 4.37 9.11 5.60
C SER B 120 4.99 7.75 5.93
N THR B 121 4.15 6.72 5.95
CA THR B 121 4.62 5.37 6.26
C THR B 121 5.75 5.00 5.32
N LEU B 122 5.51 5.14 4.03
CA LEU B 122 6.55 4.82 3.05
C LEU B 122 7.81 5.67 3.22
N ASP B 123 7.65 6.94 3.59
CA ASP B 123 8.83 7.78 3.77
C ASP B 123 9.67 7.27 4.94
N HIS B 124 9.01 6.71 5.95
CA HIS B 124 9.69 6.17 7.12
C HIS B 124 10.44 4.89 6.75
N LEU B 125 9.71 3.97 6.16
CA LEU B 125 10.25 2.68 5.76
C LEU B 125 11.40 2.75 4.77
N THR B 126 11.31 3.69 3.83
CA THR B 126 12.35 3.84 2.80
C THR B 126 13.40 4.84 3.21
N LYS B 127 13.29 5.37 4.42
CA LYS B 127 14.23 6.35 4.91
C LYS B 127 14.39 7.52 3.93
N GLY B 128 13.29 8.20 3.67
CA GLY B 128 13.31 9.36 2.79
C GLY B 128 13.63 9.18 1.31
N ARG B 129 13.26 8.04 0.73
CA ARG B 129 13.54 7.82 -0.68
C ARG B 129 12.22 7.74 -1.45
N ILE B 130 11.18 8.41 -0.94
CA ILE B 130 9.89 8.36 -1.61
C ILE B 130 9.52 9.67 -2.27
N ALA B 131 8.84 9.54 -3.40
CA ALA B 131 8.37 10.69 -4.15
C ALA B 131 6.95 10.37 -4.59
N TRP B 132 6.21 11.41 -4.93
CA TRP B 132 4.84 11.24 -5.37
C TRP B 132 4.55 12.12 -6.58
N ASN B 133 4.10 11.46 -7.63
CA ASN B 133 3.76 12.17 -8.85
C ASN B 133 2.28 12.52 -8.73
N VAL B 134 2.01 13.73 -8.28
CA VAL B 134 0.63 14.19 -8.11
C VAL B 134 -0.03 14.19 -9.47
N VAL B 135 -1.21 13.59 -9.53
CA VAL B 135 -1.93 13.47 -10.78
C VAL B 135 -3.43 13.48 -10.64
N THR B 136 -4.08 14.03 -11.65
CA THR B 136 -5.53 14.09 -11.72
C THR B 136 -5.82 13.00 -12.75
N SER B 137 -7.03 12.45 -12.75
CA SER B 137 -7.29 11.38 -13.71
C SER B 137 -8.22 11.75 -14.86
N HIS B 138 -7.90 11.26 -16.05
CA HIS B 138 -8.77 11.52 -17.19
C HIS B 138 -9.76 10.37 -17.34
N LEU B 139 -9.25 9.16 -17.58
CA LEU B 139 -10.08 7.97 -17.77
C LEU B 139 -11.37 7.96 -16.92
N PRO B 140 -12.53 7.92 -17.59
CA PRO B 140 -13.88 7.91 -17.03
C PRO B 140 -14.31 6.71 -16.19
N SER B 141 -13.91 5.51 -16.60
CA SER B 141 -14.31 4.31 -15.85
C SER B 141 -13.94 4.47 -14.38
N ALA B 142 -12.88 5.23 -14.12
CA ALA B 142 -12.44 5.47 -12.76
C ALA B 142 -13.52 6.24 -12.02
N ASP B 143 -14.03 7.30 -12.64
CA ASP B 143 -15.06 8.12 -12.02
C ASP B 143 -16.25 7.30 -11.51
N LYS B 144 -16.82 6.49 -12.40
CA LYS B 144 -17.97 5.66 -12.08
C LYS B 144 -17.65 4.52 -11.12
N ASN B 145 -16.42 4.03 -11.16
CA ASN B 145 -16.08 2.95 -10.26
C ASN B 145 -15.81 3.41 -8.83
N PHE B 146 -15.43 4.68 -8.67
CA PHE B 146 -15.19 5.21 -7.34
C PHE B 146 -16.46 5.94 -6.89
N GLY B 147 -17.52 5.72 -7.66
CA GLY B 147 -18.82 6.30 -7.38
C GLY B 147 -18.87 7.82 -7.26
N ILE B 148 -18.03 8.52 -8.04
CA ILE B 148 -17.99 9.97 -7.98
C ILE B 148 -19.32 10.60 -8.40
N LYS B 149 -19.94 11.29 -7.44
CA LYS B 149 -21.21 11.96 -7.68
C LYS B 149 -21.11 12.92 -8.85
N LYS B 150 -20.56 14.10 -8.60
CA LYS B 150 -20.39 15.14 -9.60
C LYS B 150 -19.01 15.08 -10.25
N ILE B 151 -18.93 14.64 -11.50
CA ILE B 151 -17.65 14.59 -12.17
C ILE B 151 -17.14 16.00 -12.42
N LEU B 152 -15.87 16.22 -12.12
CA LEU B 152 -15.26 17.53 -12.29
C LEU B 152 -14.61 17.71 -13.65
N GLU B 153 -14.64 18.95 -14.14
CA GLU B 153 -14.03 19.29 -15.42
C GLU B 153 -12.52 19.30 -15.24
N HIS B 154 -11.79 19.31 -16.36
CA HIS B 154 -10.33 19.31 -16.32
C HIS B 154 -9.75 20.22 -15.25
N ASP B 155 -9.87 21.52 -15.46
CA ASP B 155 -9.34 22.51 -14.54
C ASP B 155 -9.84 22.37 -13.10
N GLU B 156 -11.10 21.98 -12.89
CA GLU B 156 -11.60 21.84 -11.52
C GLU B 156 -10.84 20.76 -10.76
N ARG B 157 -10.44 19.71 -11.48
CA ARG B 157 -9.70 18.64 -10.84
C ARG B 157 -8.40 19.19 -10.29
N TYR B 158 -7.83 20.15 -11.00
CA TYR B 158 -6.59 20.75 -10.52
C TYR B 158 -6.91 21.67 -9.34
N ASP B 159 -8.14 22.18 -9.28
CA ASP B 159 -8.50 23.02 -8.14
C ASP B 159 -8.56 22.09 -6.93
N LEU B 160 -9.16 20.92 -7.14
CA LEU B 160 -9.29 19.89 -6.09
C LEU B 160 -7.90 19.41 -5.62
N ALA B 161 -6.99 19.23 -6.58
CA ALA B 161 -5.64 18.79 -6.26
C ALA B 161 -4.94 19.84 -5.41
N ASP B 162 -5.08 21.11 -5.80
CA ASP B 162 -4.47 22.20 -5.07
C ASP B 162 -4.81 22.09 -3.60
N GLU B 163 -6.09 21.90 -3.28
CA GLU B 163 -6.49 21.77 -1.88
C GLU B 163 -6.04 20.42 -1.34
N TYR B 164 -6.13 19.40 -2.18
CA TYR B 164 -5.70 18.06 -1.78
C TYR B 164 -4.28 18.19 -1.22
N LEU B 165 -3.36 18.73 -2.02
CA LEU B 165 -1.99 18.92 -1.57
C LEU B 165 -2.00 19.68 -0.24
N GLU B 166 -2.71 20.79 -0.22
CA GLU B 166 -2.81 21.61 0.98
C GLU B 166 -3.07 20.76 2.22
N VAL B 167 -4.13 19.96 2.19
CA VAL B 167 -4.43 19.13 3.33
C VAL B 167 -3.18 18.29 3.65
N CYS B 168 -2.65 17.63 2.63
CA CYS B 168 -1.46 16.80 2.80
C CYS B 168 -0.28 17.58 3.40
N TYR B 169 -0.05 18.78 2.90
CA TYR B 169 1.04 19.63 3.40
C TYR B 169 0.85 19.88 4.89
N LYS B 170 -0.33 20.34 5.27
CA LYS B 170 -0.63 20.64 6.65
C LYS B 170 -0.33 19.43 7.53
N LEU B 171 -0.79 18.27 7.08
CA LEU B 171 -0.57 17.03 7.82
C LEU B 171 0.91 16.64 7.89
N TRP B 172 1.62 16.83 6.79
CA TRP B 172 3.03 16.47 6.71
C TRP B 172 4.02 17.44 7.34
N GLU B 173 3.74 18.73 7.25
CA GLU B 173 4.67 19.72 7.77
C GLU B 173 4.23 20.38 9.06
N GLY B 174 2.95 20.35 9.36
CA GLY B 174 2.49 21.03 10.56
C GLY B 174 1.84 20.30 11.72
N SER B 175 1.11 19.21 11.45
CA SER B 175 0.45 18.51 12.54
C SER B 175 1.41 18.18 13.68
N TRP B 176 2.58 17.65 13.34
CA TRP B 176 3.60 17.29 14.32
C TRP B 176 4.78 18.24 14.18
N GLU B 177 5.40 18.61 15.30
CA GLU B 177 6.56 19.49 15.23
C GLU B 177 7.80 18.60 15.02
N ASP B 178 8.89 19.19 14.54
CA ASP B 178 10.11 18.41 14.27
C ASP B 178 10.54 17.44 15.37
N ASN B 179 10.41 17.82 16.63
CA ASN B 179 10.83 16.90 17.69
C ASN B 179 9.70 16.54 18.66
N ALA B 180 8.56 16.13 18.10
CA ALA B 180 7.42 15.76 18.92
C ALA B 180 7.72 14.45 19.67
N VAL B 181 8.34 13.51 18.96
CA VAL B 181 8.70 12.20 19.51
C VAL B 181 10.00 12.37 20.30
N ILE B 182 9.94 12.08 21.60
CA ILE B 182 11.10 12.24 22.45
C ILE B 182 11.51 10.98 23.20
N ARG B 183 10.69 9.93 23.09
CA ARG B 183 10.99 8.67 23.77
C ARG B 183 11.72 8.86 25.09
N ASP B 184 11.16 9.72 25.93
CA ASP B 184 11.71 10.06 27.24
C ASP B 184 11.22 9.06 28.30
N ILE B 185 12.03 8.03 28.54
CA ILE B 185 11.67 6.99 29.49
C ILE B 185 11.50 7.45 30.93
N GLU B 186 12.44 8.28 31.40
CA GLU B 186 12.41 8.79 32.76
C GLU B 186 11.12 9.50 33.09
N ASN B 187 10.58 10.24 32.11
CA ASN B 187 9.36 11.01 32.33
C ASN B 187 8.12 10.33 31.75
N ASN B 188 8.29 9.11 31.26
CA ASN B 188 7.21 8.34 30.64
C ASN B 188 6.41 9.24 29.70
N ILE B 189 7.10 9.64 28.64
CA ILE B 189 6.57 10.49 27.59
C ILE B 189 7.24 10.07 26.30
N TYR B 190 6.49 9.40 25.44
CA TYR B 190 7.03 8.94 24.16
C TYR B 190 6.95 10.08 23.16
N THR B 191 5.85 10.83 23.22
CA THR B 191 5.62 11.96 22.34
C THR B 191 4.99 13.10 23.14
N ASP B 192 5.65 14.25 23.14
CA ASP B 192 5.13 15.42 23.84
C ASP B 192 3.77 15.78 23.22
N PRO B 193 2.67 15.54 23.93
CA PRO B 193 1.37 15.87 23.34
C PRO B 193 1.21 17.34 22.97
N SER B 194 2.08 18.19 23.52
CA SER B 194 2.01 19.62 23.25
C SER B 194 2.58 19.95 21.87
N LYS B 195 3.26 18.99 21.26
CA LYS B 195 3.86 19.22 19.95
C LYS B 195 3.13 18.52 18.81
N VAL B 196 1.91 18.06 19.10
CA VAL B 196 1.09 17.43 18.10
C VAL B 196 -0.15 18.29 18.00
N HIS B 197 -0.54 18.67 16.79
CA HIS B 197 -1.69 19.55 16.62
C HIS B 197 -2.67 19.12 15.53
N GLU B 198 -3.91 19.58 15.68
CA GLU B 198 -4.96 19.32 14.70
C GLU B 198 -4.64 20.31 13.58
N ILE B 199 -4.83 19.92 12.32
CA ILE B 199 -4.53 20.83 11.21
C ILE B 199 -5.70 21.75 10.94
N ASN B 200 -6.83 21.44 11.59
CA ASN B 200 -8.06 22.22 11.45
C ASN B 200 -8.22 22.82 10.06
N HIS B 201 -8.17 21.97 9.03
CA HIS B 201 -8.30 22.42 7.65
C HIS B 201 -9.75 22.47 7.18
N SER B 202 -10.11 23.55 6.52
CA SER B 202 -11.45 23.72 6.00
C SER B 202 -11.37 24.42 4.64
N GLY B 203 -11.82 23.72 3.61
CA GLY B 203 -11.81 24.26 2.26
C GLY B 203 -13.07 23.81 1.56
N LYS B 204 -13.19 24.08 0.27
CA LYS B 204 -14.40 23.68 -0.46
C LYS B 204 -14.43 22.19 -0.83
N TYR B 205 -13.30 21.52 -0.77
CA TYR B 205 -13.27 20.09 -1.09
C TYR B 205 -12.99 19.22 0.13
N PHE B 206 -12.30 19.76 1.12
CA PHE B 206 -11.99 18.97 2.30
C PHE B 206 -12.17 19.68 3.63
N GLU B 207 -12.57 18.90 4.62
CA GLU B 207 -12.79 19.34 5.99
C GLU B 207 -12.01 18.29 6.78
N VAL B 208 -10.76 18.58 7.09
CA VAL B 208 -9.90 17.64 7.81
C VAL B 208 -9.29 18.25 9.08
N PRO B 209 -9.88 17.94 10.24
CA PRO B 209 -9.48 18.40 11.58
C PRO B 209 -8.07 17.98 11.99
N GLY B 210 -7.61 16.86 11.46
CA GLY B 210 -6.29 16.37 11.81
C GLY B 210 -6.42 15.81 13.22
N PRO B 211 -5.32 15.44 13.91
CA PRO B 211 -3.92 15.52 13.49
C PRO B 211 -3.46 14.29 12.71
N HIS B 212 -2.37 14.44 11.98
CA HIS B 212 -1.79 13.35 11.19
C HIS B 212 -1.54 12.17 12.14
N LEU B 213 -1.71 10.97 11.63
CA LEU B 213 -1.52 9.76 12.43
C LEU B 213 -0.04 9.35 12.59
N CYS B 214 0.83 9.89 11.73
CA CYS B 214 2.25 9.52 11.79
C CYS B 214 3.19 10.60 12.32
N GLU B 215 4.30 10.16 12.92
CA GLU B 215 5.30 11.07 13.45
C GLU B 215 6.16 11.51 12.26
N PRO B 216 6.79 12.69 12.36
CA PRO B 216 7.64 13.24 11.29
C PRO B 216 8.61 12.25 10.65
N SER B 217 8.60 12.20 9.32
CA SER B 217 9.47 11.32 8.56
C SER B 217 10.60 12.11 7.91
N PRO B 218 11.67 11.42 7.48
CA PRO B 218 12.84 12.03 6.85
C PRO B 218 12.60 13.28 6.00
N GLN B 219 11.67 13.18 5.05
CA GLN B 219 11.39 14.31 4.18
C GLN B 219 10.08 15.00 4.54
N ARG B 220 9.30 14.40 5.45
CA ARG B 220 8.00 14.92 5.86
C ARG B 220 7.03 14.89 4.68
N THR B 221 7.39 15.59 3.60
CA THR B 221 6.58 15.62 2.39
C THR B 221 7.35 14.84 1.35
N PRO B 222 6.69 14.00 0.55
CA PRO B 222 7.50 13.29 -0.42
C PRO B 222 7.97 14.27 -1.49
N VAL B 223 9.01 13.89 -2.22
CA VAL B 223 9.50 14.74 -3.29
C VAL B 223 8.32 14.86 -4.26
N ILE B 224 7.95 16.07 -4.63
CA ILE B 224 6.82 16.23 -5.53
C ILE B 224 7.15 16.21 -7.00
N TYR B 225 6.40 15.38 -7.71
CA TYR B 225 6.50 15.20 -9.15
C TYR B 225 5.17 15.64 -9.74
N GLN B 226 5.23 16.20 -10.94
CA GLN B 226 4.02 16.64 -11.62
C GLN B 226 4.31 16.38 -13.09
N ALA B 227 3.37 15.79 -13.81
CA ALA B 227 3.58 15.50 -15.23
C ALA B 227 2.57 16.17 -16.17
N GLY B 228 1.68 17.00 -15.61
CA GLY B 228 0.68 17.68 -16.43
C GLY B 228 1.25 18.73 -17.37
N MET B 229 0.92 18.60 -18.66
CA MET B 229 1.39 19.53 -19.70
C MET B 229 0.33 20.51 -20.14
N SER B 230 -0.90 20.28 -19.74
CA SER B 230 -1.98 21.19 -20.08
C SER B 230 -1.55 22.51 -19.48
N GLU B 231 -2.27 23.57 -19.83
CA GLU B 231 -1.92 24.86 -19.30
C GLU B 231 -2.12 24.85 -17.78
N ARG B 232 -3.29 24.36 -17.37
CA ARG B 232 -3.62 24.31 -15.95
C ARG B 232 -2.60 23.49 -15.16
N GLY B 233 -2.22 22.34 -15.72
CA GLY B 233 -1.25 21.47 -15.07
C GLY B 233 0.12 22.11 -15.05
N ARG B 234 0.43 22.89 -16.07
CA ARG B 234 1.71 23.56 -16.13
C ARG B 234 1.79 24.57 -14.99
N GLU B 235 0.65 25.17 -14.64
CA GLU B 235 0.62 26.15 -13.55
C GLU B 235 0.62 25.40 -12.23
N PHE B 236 -0.03 24.24 -12.22
CA PHE B 236 -0.08 23.41 -11.02
C PHE B 236 1.37 23.04 -10.66
N ALA B 237 2.12 22.66 -11.70
CA ALA B 237 3.53 22.26 -11.56
C ALA B 237 4.40 23.38 -11.00
N ALA B 238 4.31 24.54 -11.64
CA ALA B 238 5.07 25.70 -11.22
C ALA B 238 4.85 25.96 -9.74
N LYS B 239 3.62 25.74 -9.29
CA LYS B 239 3.27 25.96 -7.90
C LYS B 239 3.73 24.92 -6.89
N HIS B 240 3.74 23.66 -7.29
CA HIS B 240 4.09 22.56 -6.37
C HIS B 240 5.31 21.70 -6.65
N ALA B 241 5.39 21.22 -7.88
CA ALA B 241 6.45 20.32 -8.30
C ALA B 241 7.89 20.77 -8.07
N GLU B 242 8.72 19.77 -7.75
CA GLU B 242 10.15 19.96 -7.54
C GLU B 242 10.74 19.31 -8.77
N CYS B 243 9.99 18.35 -9.30
CA CYS B 243 10.35 17.59 -10.49
C CYS B 243 9.15 17.53 -11.43
N VAL B 244 9.38 17.84 -12.69
CA VAL B 244 8.32 17.84 -13.70
C VAL B 244 8.67 16.93 -14.85
N PHE B 245 7.78 15.98 -15.13
CA PHE B 245 7.97 15.07 -16.25
C PHE B 245 7.36 15.78 -17.47
N LEU B 246 8.21 16.24 -18.39
CA LEU B 246 7.77 16.97 -19.59
C LEU B 246 7.29 16.13 -20.78
N GLY B 247 6.58 16.80 -21.67
CA GLY B 247 6.10 16.16 -22.88
C GLY B 247 6.87 16.76 -24.06
N GLY B 248 7.12 15.95 -25.09
CA GLY B 248 7.83 16.48 -26.24
C GLY B 248 9.06 15.67 -26.58
N LYS B 249 9.47 15.69 -27.85
CA LYS B 249 10.63 14.92 -28.25
C LYS B 249 11.72 15.75 -28.91
N ASP B 250 11.48 17.05 -29.06
CA ASP B 250 12.44 17.94 -29.68
C ASP B 250 12.79 19.10 -28.77
N VAL B 251 13.90 19.78 -29.08
CA VAL B 251 14.34 20.91 -28.29
C VAL B 251 13.30 22.01 -28.17
N GLU B 252 12.80 22.49 -29.30
CA GLU B 252 11.82 23.56 -29.31
C GLU B 252 10.65 23.30 -28.37
N THR B 253 10.05 22.12 -28.50
CA THR B 253 8.92 21.75 -27.66
C THR B 253 9.26 21.69 -26.16
N LEU B 254 10.32 20.96 -25.81
CA LEU B 254 10.73 20.85 -24.41
C LEU B 254 11.14 22.22 -23.85
N LYS B 255 11.97 22.93 -24.61
CA LYS B 255 12.45 24.24 -24.21
C LYS B 255 11.29 25.18 -23.95
N PHE B 256 10.22 25.05 -24.72
CA PHE B 256 9.08 25.92 -24.52
C PHE B 256 8.44 25.63 -23.16
N PHE B 257 8.26 24.35 -22.84
CA PHE B 257 7.67 23.96 -21.57
C PHE B 257 8.55 24.34 -20.39
N VAL B 258 9.84 23.98 -20.46
CA VAL B 258 10.77 24.29 -19.39
C VAL B 258 10.74 25.79 -19.10
N ASP B 259 10.74 26.57 -20.17
CA ASP B 259 10.71 28.03 -20.05
C ASP B 259 9.36 28.54 -19.52
N ASP B 260 8.27 28.00 -20.04
CA ASP B 260 6.93 28.40 -19.61
C ASP B 260 6.75 28.20 -18.11
N ILE B 261 7.05 26.99 -17.67
CA ILE B 261 6.93 26.62 -16.26
C ILE B 261 7.83 27.47 -15.38
N ARG B 262 9.09 27.61 -15.75
CA ARG B 262 10.03 28.39 -14.96
C ARG B 262 9.52 29.80 -14.68
N LYS B 263 8.81 30.41 -15.63
CA LYS B 263 8.31 31.76 -15.39
C LYS B 263 6.93 31.80 -14.72
N ARG B 264 6.16 30.72 -14.85
CA ARG B 264 4.86 30.66 -14.20
C ARG B 264 5.19 30.45 -12.73
N ALA B 265 6.43 30.03 -12.47
CA ALA B 265 6.94 29.76 -11.14
C ALA B 265 7.36 31.05 -10.43
N LYS B 266 7.60 32.10 -11.21
CA LYS B 266 8.01 33.41 -10.66
C LYS B 266 6.95 34.00 -9.72
N LYS B 267 5.70 33.96 -10.16
CA LYS B 267 4.62 34.52 -9.36
C LYS B 267 4.44 33.83 -8.02
N TYR B 268 4.99 32.63 -7.85
CA TYR B 268 4.84 31.91 -6.59
C TYR B 268 6.02 32.14 -5.66
N GLY B 269 6.88 33.06 -6.08
CA GLY B 269 8.05 33.42 -5.28
C GLY B 269 9.06 32.33 -5.05
N ARG B 270 9.15 31.38 -5.97
CA ARG B 270 10.12 30.30 -5.81
C ARG B 270 11.18 30.29 -6.92
N ASN B 271 12.39 29.93 -6.53
CA ASN B 271 13.54 29.88 -7.44
C ASN B 271 13.39 28.77 -8.48
N PRO B 272 13.35 29.12 -9.79
CA PRO B 272 13.21 28.16 -10.90
C PRO B 272 14.29 27.09 -10.91
N ASP B 273 15.23 27.18 -9.98
CA ASP B 273 16.30 26.19 -9.85
C ASP B 273 15.79 25.09 -8.95
N HIS B 274 14.69 25.37 -8.26
CA HIS B 274 14.06 24.40 -7.36
C HIS B 274 13.08 23.53 -8.15
N ILE B 275 13.18 23.57 -9.49
CA ILE B 275 12.30 22.78 -10.35
C ILE B 275 13.05 21.99 -11.41
N LYS B 276 13.35 20.73 -11.12
CA LYS B 276 14.07 19.87 -12.06
C LYS B 276 13.18 19.47 -13.23
N MET B 277 13.66 19.69 -14.45
CA MET B 277 12.91 19.36 -15.65
C MET B 277 13.36 18.02 -16.23
N PHE B 278 12.40 17.15 -16.51
CA PHE B 278 12.67 15.82 -17.05
C PHE B 278 11.96 15.59 -18.36
N ALA B 279 12.66 14.98 -19.30
CA ALA B 279 12.06 14.66 -20.59
C ALA B 279 11.96 13.13 -20.65
N GLY B 280 10.99 12.63 -21.38
CA GLY B 280 10.89 11.19 -21.51
C GLY B 280 11.80 10.81 -22.67
N ILE B 281 12.36 9.60 -22.63
CA ILE B 281 13.22 9.19 -23.73
C ILE B 281 13.37 7.68 -23.81
N CYS B 282 13.25 7.15 -25.02
CA CYS B 282 13.40 5.72 -25.24
C CYS B 282 14.76 5.52 -25.88
N VAL B 283 15.54 4.58 -25.33
CA VAL B 283 16.87 4.33 -25.83
C VAL B 283 17.07 2.93 -26.36
N ILE B 284 17.68 2.84 -27.54
CA ILE B 284 17.99 1.57 -28.19
C ILE B 284 19.44 1.62 -28.63
N VAL B 285 20.31 1.02 -27.82
CA VAL B 285 21.74 1.03 -28.10
C VAL B 285 22.34 -0.33 -28.43
N GLY B 286 23.53 -0.27 -29.01
CA GLY B 286 24.28 -1.45 -29.37
C GLY B 286 25.73 -1.00 -29.42
N LYS B 287 26.68 -1.92 -29.33
CA LYS B 287 28.07 -1.50 -29.40
C LYS B 287 28.32 -0.92 -30.79
N THR B 288 27.72 -1.54 -31.79
CA THR B 288 27.86 -1.11 -33.18
C THR B 288 26.51 -0.58 -33.69
N HIS B 289 26.52 0.12 -34.81
CA HIS B 289 25.30 0.65 -35.37
C HIS B 289 24.35 -0.51 -35.71
N ASP B 290 24.86 -1.46 -36.48
CA ASP B 290 24.11 -2.64 -36.90
C ASP B 290 23.27 -3.24 -35.76
N GLU B 291 23.94 -3.55 -34.66
CA GLU B 291 23.26 -4.13 -33.51
C GLU B 291 22.13 -3.22 -33.05
N ALA B 292 22.42 -1.93 -32.93
CA ALA B 292 21.39 -0.99 -32.50
C ALA B 292 20.20 -1.14 -33.44
N MET B 293 20.47 -1.06 -34.75
CA MET B 293 19.43 -1.18 -35.76
C MET B 293 18.68 -2.50 -35.68
N GLU B 294 19.34 -3.57 -35.26
CA GLU B 294 18.67 -4.85 -35.15
C GLU B 294 17.65 -4.84 -34.01
N LYS B 295 18.00 -4.17 -32.90
CA LYS B 295 17.09 -4.09 -31.75
C LYS B 295 15.85 -3.26 -32.16
N LEU B 296 16.08 -2.18 -32.91
CA LEU B 296 15.00 -1.35 -33.38
C LEU B 296 14.14 -2.17 -34.33
N ASN B 297 14.79 -2.95 -35.19
CA ASN B 297 14.06 -3.76 -36.15
C ASN B 297 13.23 -4.83 -35.46
N SER B 298 13.81 -5.55 -34.50
CA SER B 298 13.06 -6.60 -33.81
C SER B 298 11.81 -6.06 -33.13
N PHE B 299 11.89 -4.85 -32.58
CA PHE B 299 10.76 -4.22 -31.90
C PHE B 299 9.66 -3.87 -32.89
N GLN B 300 10.02 -3.15 -33.95
CA GLN B 300 9.05 -2.75 -34.97
C GLN B 300 8.21 -3.97 -35.32
N LYS B 301 8.80 -5.15 -35.20
CA LYS B 301 8.09 -6.37 -35.52
C LYS B 301 6.88 -6.63 -34.64
N TYR B 302 6.92 -6.18 -33.38
CA TYR B 302 5.80 -6.41 -32.46
C TYR B 302 4.97 -5.18 -32.10
N TRP B 303 5.31 -4.05 -32.70
CA TRP B 303 4.61 -2.80 -32.43
C TRP B 303 3.17 -2.92 -32.91
N SER B 304 2.23 -3.01 -31.97
CA SER B 304 0.80 -3.15 -32.28
C SER B 304 0.03 -1.86 -32.50
N LEU B 305 -0.38 -1.62 -33.75
CA LEU B 305 -1.14 -0.43 -34.09
C LEU B 305 -2.44 -0.34 -33.28
N GLU B 306 -3.18 -1.44 -33.22
CA GLU B 306 -4.43 -1.44 -32.48
C GLU B 306 -4.24 -1.00 -31.03
N GLY B 307 -3.26 -1.58 -30.35
CA GLY B 307 -3.02 -1.23 -28.96
C GLY B 307 -2.71 0.24 -28.74
N HIS B 308 -2.02 0.84 -29.71
CA HIS B 308 -1.67 2.24 -29.63
C HIS B 308 -2.89 3.12 -29.86
N LEU B 309 -3.75 2.71 -30.79
CA LEU B 309 -4.96 3.46 -31.04
C LEU B 309 -5.74 3.46 -29.73
N ALA B 310 -5.57 2.38 -28.95
CA ALA B 310 -6.26 2.22 -27.66
C ALA B 310 -5.68 3.18 -26.63
N HIS B 311 -4.35 3.14 -26.51
CA HIS B 311 -3.61 4.01 -25.59
C HIS B 311 -3.99 5.45 -25.92
N TYR B 312 -3.96 5.77 -27.21
CA TYR B 312 -4.32 7.09 -27.71
C TYR B 312 -5.75 7.48 -27.30
N GLY B 313 -6.70 6.57 -27.55
CA GLY B 313 -8.09 6.83 -27.23
C GLY B 313 -8.34 7.29 -25.80
N GLY B 314 -7.77 6.56 -24.84
CA GLY B 314 -7.94 6.91 -23.45
C GLY B 314 -7.13 8.15 -23.11
N GLY B 315 -5.96 8.29 -23.73
CA GLY B 315 -5.12 9.45 -23.47
C GLY B 315 -5.68 10.77 -23.97
N THR B 316 -5.88 10.86 -25.29
CA THR B 316 -6.40 12.08 -25.92
C THR B 316 -7.92 12.17 -25.79
N GLY B 317 -8.58 11.02 -25.74
CA GLY B 317 -10.03 11.01 -25.65
C GLY B 317 -10.67 10.89 -27.02
N TYR B 318 -9.85 10.79 -28.06
CA TYR B 318 -10.34 10.66 -29.42
C TYR B 318 -10.43 9.20 -29.87
N ASP B 319 -11.58 8.83 -30.39
CA ASP B 319 -11.81 7.47 -30.89
C ASP B 319 -11.54 7.52 -32.37
N LEU B 320 -10.30 7.19 -32.73
CA LEU B 320 -9.88 7.24 -34.12
C LEU B 320 -10.52 6.21 -35.01
N SER B 321 -11.36 5.35 -34.44
CA SER B 321 -12.02 4.35 -35.25
C SER B 321 -13.25 4.92 -35.95
N LYS B 322 -13.71 6.09 -35.48
CA LYS B 322 -14.89 6.72 -36.07
C LYS B 322 -14.57 7.93 -36.95
N TYR B 323 -13.28 8.17 -37.18
CA TYR B 323 -12.84 9.27 -38.02
C TYR B 323 -12.33 8.69 -39.32
N SER B 324 -12.46 9.43 -40.40
CA SER B 324 -11.95 8.93 -41.67
C SER B 324 -10.56 9.50 -41.83
N SER B 325 -9.76 8.84 -42.66
CA SER B 325 -8.39 9.29 -42.90
C SER B 325 -8.34 10.77 -43.34
N ASN B 326 -9.33 11.18 -44.13
CA ASN B 326 -9.38 12.56 -44.64
C ASN B 326 -9.63 13.57 -43.53
N ASP B 327 -10.31 13.12 -42.48
CA ASP B 327 -10.63 13.98 -41.35
C ASP B 327 -9.39 14.53 -40.64
N TYR B 328 -9.51 15.77 -40.16
CA TYR B 328 -8.43 16.44 -39.45
C TYR B 328 -8.81 16.56 -37.99
N ILE B 329 -8.05 15.89 -37.14
CA ILE B 329 -8.30 15.89 -35.70
C ILE B 329 -7.36 16.90 -35.05
N GLY B 330 -7.50 18.15 -35.48
CA GLY B 330 -6.65 19.23 -34.98
C GLY B 330 -6.10 19.94 -36.19
N SER B 331 -4.80 19.76 -36.43
CA SER B 331 -4.15 20.39 -37.57
C SER B 331 -3.65 19.27 -38.48
N ILE B 332 -3.41 18.12 -37.88
CA ILE B 332 -2.91 16.96 -38.60
C ILE B 332 -4.04 15.98 -38.88
N SER B 333 -3.98 15.32 -40.03
CA SER B 333 -5.00 14.37 -40.43
C SER B 333 -4.93 13.02 -39.74
N VAL B 334 -6.09 12.44 -39.49
CA VAL B 334 -6.18 11.13 -38.85
C VAL B 334 -5.33 10.13 -39.61
N GLY B 335 -5.32 10.28 -40.94
CA GLY B 335 -4.55 9.38 -41.77
C GLY B 335 -3.10 9.31 -41.35
N GLU B 336 -2.48 10.46 -41.14
CA GLU B 336 -1.08 10.49 -40.75
C GLU B 336 -0.93 10.16 -39.27
N ILE B 337 -1.78 10.72 -38.43
CA ILE B 337 -1.71 10.42 -37.01
C ILE B 337 -1.58 8.91 -36.85
N ILE B 338 -2.48 8.18 -37.52
CA ILE B 338 -2.44 6.73 -37.47
C ILE B 338 -1.12 6.22 -38.03
N ASN B 339 -0.64 6.85 -39.09
CA ASN B 339 0.61 6.44 -39.70
C ASN B 339 1.81 6.66 -38.76
N ASN B 340 1.99 7.90 -38.31
CA ASN B 340 3.09 8.24 -37.42
C ASN B 340 3.03 7.38 -36.16
N MET B 341 1.81 6.97 -35.82
CA MET B 341 1.61 6.16 -34.64
C MET B 341 2.11 4.73 -34.80
N SER B 342 2.23 4.28 -36.04
CA SER B 342 2.69 2.91 -36.29
C SER B 342 4.19 2.74 -36.25
N LYS B 343 4.91 3.85 -36.19
CA LYS B 343 6.37 3.79 -36.15
C LYS B 343 6.84 4.05 -34.72
N LEU B 344 7.94 3.41 -34.35
CA LEU B 344 8.50 3.54 -33.01
C LEU B 344 8.82 4.96 -32.54
N ASP B 345 9.10 5.87 -33.45
CA ASP B 345 9.41 7.25 -33.05
C ASP B 345 8.14 8.09 -33.03
N GLY B 346 6.99 7.41 -32.98
CA GLY B 346 5.71 8.10 -32.98
C GLY B 346 5.16 8.56 -31.64
N LYS B 347 5.73 8.04 -30.55
CA LYS B 347 5.27 8.43 -29.21
C LYS B 347 5.65 9.89 -28.94
N TRP B 348 5.20 10.46 -27.81
CA TRP B 348 5.52 11.87 -27.58
C TRP B 348 6.83 12.16 -26.85
N PHE B 349 7.80 11.27 -27.02
CA PHE B 349 9.12 11.45 -26.40
C PHE B 349 10.22 11.12 -27.42
N LYS B 350 11.44 11.57 -27.15
CA LYS B 350 12.54 11.30 -28.07
C LYS B 350 12.95 9.83 -28.07
N LEU B 351 13.23 9.32 -29.26
CA LEU B 351 13.68 7.94 -29.43
C LEU B 351 15.11 8.00 -29.95
N SER B 352 16.08 7.69 -29.10
CA SER B 352 17.46 7.72 -29.53
C SER B 352 18.02 6.34 -29.84
N VAL B 353 18.28 6.10 -31.11
CA VAL B 353 18.79 4.81 -31.55
C VAL B 353 20.23 4.97 -31.98
N GLY B 354 21.07 3.98 -31.70
CA GLY B 354 22.46 4.08 -32.09
C GLY B 354 23.46 3.54 -31.09
N THR B 355 24.72 3.90 -31.31
CA THR B 355 25.82 3.49 -30.46
C THR B 355 25.73 4.32 -29.19
N PRO B 356 26.54 3.98 -28.16
CA PRO B 356 26.55 4.70 -26.89
C PRO B 356 26.86 6.20 -27.06
N LYS B 357 27.81 6.51 -27.93
CA LYS B 357 28.19 7.89 -28.17
C LYS B 357 27.05 8.70 -28.75
N LYS B 358 26.40 8.17 -29.78
CA LYS B 358 25.30 8.88 -30.39
C LYS B 358 24.20 9.13 -29.36
N VAL B 359 23.90 8.11 -28.57
CA VAL B 359 22.86 8.21 -27.54
C VAL B 359 23.23 9.24 -26.47
N ALA B 360 24.51 9.30 -26.12
CA ALA B 360 24.96 10.26 -25.13
C ALA B 360 24.86 11.64 -25.78
N ASP B 361 25.18 11.73 -27.07
CA ASP B 361 25.11 13.01 -27.76
C ASP B 361 23.67 13.54 -27.83
N GLU B 362 22.75 12.69 -28.25
CA GLU B 362 21.35 13.10 -28.37
C GLU B 362 20.77 13.49 -27.03
N MET B 363 21.22 12.82 -25.97
CA MET B 363 20.75 13.15 -24.65
C MET B 363 21.41 14.47 -24.26
N GLN B 364 22.70 14.60 -24.56
CA GLN B 364 23.43 15.81 -24.22
C GLN B 364 22.79 17.02 -24.90
N TYR B 365 22.52 16.91 -26.20
CA TYR B 365 21.94 18.01 -26.96
C TYR B 365 20.64 18.48 -26.34
N LEU B 366 19.84 17.54 -25.86
CA LEU B 366 18.59 17.89 -25.24
C LEU B 366 18.85 18.66 -23.96
N VAL B 367 19.77 18.14 -23.15
CA VAL B 367 20.11 18.79 -21.88
C VAL B 367 20.69 20.19 -22.09
N GLU B 368 21.57 20.34 -23.07
CA GLU B 368 22.19 21.63 -23.32
C GLU B 368 21.33 22.61 -24.11
N GLU B 369 20.51 22.11 -25.03
CA GLU B 369 19.68 23.00 -25.82
C GLU B 369 18.30 23.29 -25.26
N ALA B 370 17.73 22.36 -24.51
CA ALA B 370 16.40 22.56 -23.97
C ALA B 370 16.44 23.00 -22.52
N GLY B 371 17.56 22.72 -21.86
CA GLY B 371 17.70 23.10 -20.46
C GLY B 371 17.07 22.08 -19.52
N ILE B 372 16.89 20.85 -20.00
CA ILE B 372 16.31 19.83 -19.14
C ILE B 372 17.38 19.32 -18.19
N ASP B 373 16.96 18.87 -17.01
CA ASP B 373 17.87 18.39 -15.96
C ASP B 373 18.12 16.89 -15.96
N GLY B 374 17.14 16.12 -16.43
CA GLY B 374 17.30 14.68 -16.46
C GLY B 374 16.22 13.99 -17.27
N PHE B 375 16.40 12.71 -17.54
CA PHE B 375 15.43 11.97 -18.33
C PHE B 375 14.65 10.88 -17.56
N ASN B 376 13.50 10.55 -18.13
CA ASN B 376 12.61 9.53 -17.62
C ASN B 376 12.70 8.48 -18.73
N LEU B 377 13.51 7.46 -18.48
CA LEU B 377 13.76 6.40 -19.43
C LEU B 377 12.61 5.45 -19.69
N VAL B 378 12.06 5.51 -20.91
CA VAL B 378 10.96 4.65 -21.29
C VAL B 378 11.47 3.29 -21.79
N GLN B 379 10.73 2.23 -21.47
CA GLN B 379 11.11 0.87 -21.88
C GLN B 379 10.44 0.43 -23.17
N TYR B 380 11.12 -0.45 -23.89
CA TYR B 380 10.56 -1.01 -25.10
C TYR B 380 10.48 -2.51 -24.83
N VAL B 381 11.45 -3.01 -24.08
CA VAL B 381 11.45 -4.41 -23.71
C VAL B 381 11.98 -4.46 -22.28
N SER B 382 11.69 -5.54 -21.54
CA SER B 382 12.17 -5.66 -20.17
C SER B 382 12.81 -7.02 -19.91
N PRO B 383 14.00 -7.01 -19.27
CA PRO B 383 14.72 -5.82 -18.80
C PRO B 383 15.61 -5.17 -19.86
N GLY B 384 15.54 -5.66 -21.10
CA GLY B 384 16.35 -5.14 -22.18
C GLY B 384 16.78 -3.69 -22.15
N THR B 385 15.83 -2.77 -22.33
CA THR B 385 16.07 -1.33 -22.35
C THR B 385 16.95 -0.83 -21.21
N PHE B 386 16.60 -1.19 -19.99
CA PHE B 386 17.35 -0.75 -18.83
C PHE B 386 18.74 -1.38 -18.79
N VAL B 387 18.83 -2.69 -19.02
CA VAL B 387 20.10 -3.41 -19.02
C VAL B 387 21.07 -2.88 -20.07
N ASP B 388 20.58 -2.69 -21.30
CA ASP B 388 21.40 -2.16 -22.37
C ASP B 388 21.86 -0.76 -22.01
N PHE B 389 20.93 0.04 -21.49
CA PHE B 389 21.28 1.40 -21.12
C PHE B 389 22.43 1.42 -20.13
N ILE B 390 22.20 0.77 -18.99
CA ILE B 390 23.21 0.69 -17.92
C ILE B 390 24.59 0.20 -18.39
N GLU B 391 24.60 -0.80 -19.25
CA GLU B 391 25.85 -1.37 -19.71
C GLU B 391 26.63 -0.58 -20.77
N LEU B 392 25.91 0.12 -21.66
CA LEU B 392 26.58 0.84 -22.72
C LEU B 392 26.46 2.37 -22.71
N VAL B 393 25.36 2.89 -22.21
CA VAL B 393 25.18 4.34 -22.20
C VAL B 393 25.68 4.96 -20.89
N VAL B 394 25.49 4.27 -19.77
CA VAL B 394 25.93 4.78 -18.48
C VAL B 394 27.46 5.00 -18.45
N PRO B 395 28.24 4.04 -18.97
CA PRO B 395 29.69 4.24 -18.97
C PRO B 395 30.11 5.42 -19.89
N GLU B 396 29.39 5.57 -21.01
CA GLU B 396 29.69 6.64 -21.95
C GLU B 396 29.32 8.00 -21.34
N LEU B 397 28.19 8.04 -20.65
CA LEU B 397 27.76 9.27 -20.03
C LEU B 397 28.68 9.60 -18.85
N GLN B 398 29.23 8.56 -18.23
CA GLN B 398 30.10 8.73 -17.08
C GLN B 398 31.47 9.35 -17.40
N LYS B 399 32.15 8.85 -18.42
CA LYS B 399 33.46 9.42 -18.75
C LYS B 399 33.34 10.88 -19.18
N ARG B 400 32.13 11.32 -19.46
CA ARG B 400 31.91 12.71 -19.86
C ARG B 400 31.42 13.53 -18.67
N GLY B 401 31.48 12.97 -17.47
CA GLY B 401 31.01 13.68 -16.31
C GLY B 401 29.56 14.10 -16.45
N LEU B 402 28.74 13.23 -17.05
CA LEU B 402 27.33 13.56 -17.25
C LEU B 402 26.32 12.67 -16.51
N TYR B 403 26.83 11.69 -15.79
CA TYR B 403 25.98 10.76 -15.06
C TYR B 403 26.80 10.37 -13.83
N ARG B 404 26.16 10.31 -12.68
CA ARG B 404 26.86 9.97 -11.45
C ARG B 404 27.55 8.62 -11.52
N VAL B 405 28.62 8.50 -10.72
CA VAL B 405 29.40 7.28 -10.64
C VAL B 405 29.08 6.61 -9.32
N ASP B 406 28.68 7.42 -8.33
CA ASP B 406 28.32 6.93 -7.01
C ASP B 406 27.20 7.78 -6.38
N TYR B 407 26.41 7.16 -5.50
CA TYR B 407 25.31 7.85 -4.85
C TYR B 407 25.79 8.74 -3.71
N GLU B 408 25.17 9.91 -3.59
CA GLU B 408 25.49 10.85 -2.53
C GLU B 408 24.58 10.59 -1.34
N GLU B 409 25.15 10.10 -0.24
CA GLU B 409 24.39 9.82 0.96
C GLU B 409 23.30 10.88 1.18
N GLY B 410 22.14 10.45 1.68
CA GLY B 410 21.05 11.37 1.95
C GLY B 410 19.68 10.91 1.44
N THR B 411 18.68 11.76 1.61
CA THR B 411 17.34 11.45 1.15
C THR B 411 17.27 11.73 -0.35
N TYR B 412 16.09 11.54 -0.92
CA TYR B 412 15.92 11.80 -2.35
C TYR B 412 15.93 13.32 -2.58
N ARG B 413 15.20 14.07 -1.76
CA ARG B 413 15.19 15.51 -1.93
C ARG B 413 16.59 16.09 -1.83
N GLU B 414 17.45 15.45 -1.03
CA GLU B 414 18.83 15.91 -0.89
C GLU B 414 19.61 15.52 -2.13
N LYS B 415 19.48 14.27 -2.55
CA LYS B 415 20.18 13.80 -3.73
C LYS B 415 19.87 14.72 -4.90
N LEU B 416 18.64 15.24 -4.94
CA LEU B 416 18.21 16.14 -6.01
C LEU B 416 18.58 17.59 -5.73
N PHE B 417 18.50 18.02 -4.48
CA PHE B 417 18.80 19.42 -4.20
C PHE B 417 19.92 19.69 -3.20
N GLY B 418 20.80 18.72 -3.00
CA GLY B 418 21.92 18.94 -2.09
C GLY B 418 21.73 18.55 -0.64
N LYS B 419 22.79 18.01 -0.05
CA LYS B 419 22.75 17.59 1.34
C LYS B 419 22.27 18.74 2.22
N GLY B 420 21.48 18.42 3.22
CA GLY B 420 20.97 19.44 4.11
C GLY B 420 19.55 19.77 3.73
N ASN B 421 19.22 19.62 2.46
CA ASN B 421 17.88 19.91 1.98
C ASN B 421 16.98 18.68 1.90
N TYR B 422 16.75 18.05 3.04
CA TYR B 422 15.90 16.87 3.07
C TYR B 422 14.44 17.30 3.12
N ARG B 423 14.21 18.50 3.64
CA ARG B 423 12.86 19.00 3.72
C ARG B 423 12.62 20.21 2.84
N LEU B 424 11.44 20.25 2.24
CA LEU B 424 11.00 21.29 1.33
C LEU B 424 11.61 22.68 1.55
N PRO B 425 11.86 23.40 0.43
CA PRO B 425 12.44 24.74 0.46
C PRO B 425 11.56 25.71 1.23
N ASP B 426 12.15 26.74 1.79
CA ASP B 426 11.41 27.75 2.55
C ASP B 426 10.49 28.58 1.63
N ASP B 427 10.83 28.61 0.35
CA ASP B 427 10.05 29.38 -0.64
C ASP B 427 8.94 28.56 -1.28
N HIS B 428 8.64 27.39 -0.72
CA HIS B 428 7.60 26.51 -1.23
C HIS B 428 6.33 26.73 -0.41
N ILE B 429 5.15 26.69 -1.03
CA ILE B 429 3.90 26.93 -0.28
C ILE B 429 3.76 26.00 0.92
N ALA B 430 4.22 24.76 0.77
CA ALA B 430 4.13 23.79 1.86
C ALA B 430 4.81 24.34 3.11
N ALA B 431 5.79 25.20 2.90
CA ALA B 431 6.50 25.81 4.01
C ALA B 431 5.56 26.71 4.80
N ARG B 432 4.47 27.12 4.16
CA ARG B 432 3.48 27.99 4.79
C ARG B 432 2.66 27.25 5.83
N TYR B 433 2.99 25.98 6.06
CA TYR B 433 2.23 25.19 7.01
C TYR B 433 3.05 24.55 8.12
N ARG B 434 4.13 25.20 8.53
CA ARG B 434 4.96 24.66 9.59
C ARG B 434 4.75 25.43 10.89
#